data_3HNM
#
_entry.id   3HNM
#
_cell.length_a   141.520
_cell.length_b   141.520
_cell.length_c   232.366
_cell.angle_alpha   90.00
_cell.angle_beta   90.00
_cell.angle_gamma   90.00
#
_symmetry.space_group_name_H-M   'I 41 2 2'
#
loop_
_entity.id
_entity.type
_entity.pdbx_description
1 polymer 'Putative chitobiase'
2 non-polymer 'MAGNESIUM ION'
#
_entity_poly.entity_id   1
_entity_poly.type   'polypeptide(L)'
_entity_poly.pdbx_seq_one_letter_code
;SKLYTVKFQPDPIDKKGWSVIDFNNCCTQDGGWYLN(MSE)GWGVESLIDNNPGTQWLCRWDVKEPLPYYFVFD(MSE)G
KEYTLFRFGFANPVAPAAHVWAGTSKAGYVEASIDNENWVKLKDWTSPKIGEPNVN(MSE)DVPATQARYIRFVITDTYP
TYDGLRVSLGEVYAWGLEHHHHHH
;
_entity_poly.pdbx_strand_id   A,B,C,D
#
loop_
_chem_comp.id
_chem_comp.type
_chem_comp.name
_chem_comp.formula
MG non-polymer 'MAGNESIUM ION' 'Mg 2'
#
# COMPACT_ATOMS: atom_id res chain seq x y z
N TYR A 4 -15.16 16.25 -25.10
CA TYR A 4 -16.10 16.96 -26.02
C TYR A 4 -15.84 16.58 -27.49
N THR A 5 -16.67 15.69 -28.04
CA THR A 5 -16.51 15.24 -29.43
C THR A 5 -17.55 15.83 -30.40
N VAL A 6 -17.32 15.70 -31.72
CA VAL A 6 -18.26 16.25 -32.72
C VAL A 6 -19.52 15.39 -32.79
N LYS A 7 -20.47 15.82 -33.62
CA LYS A 7 -21.75 15.12 -33.78
C LYS A 7 -21.62 13.68 -34.31
N PHE A 8 -21.45 12.74 -33.38
CA PHE A 8 -21.32 11.31 -33.66
C PHE A 8 -22.72 10.66 -33.65
N GLN A 9 -23.47 10.88 -32.56
CA GLN A 9 -24.83 10.33 -32.41
C GLN A 9 -25.00 8.82 -32.56
N PRO A 10 -24.13 8.01 -31.94
CA PRO A 10 -24.30 6.56 -32.08
C PRO A 10 -25.49 6.15 -31.22
N ASP A 11 -25.55 4.88 -30.85
CA ASP A 11 -26.67 4.42 -30.04
C ASP A 11 -26.22 3.84 -28.70
N PRO A 12 -26.86 4.27 -27.59
CA PRO A 12 -26.58 3.84 -26.22
C PRO A 12 -26.42 2.33 -26.08
N ILE A 13 -25.47 1.92 -25.25
CA ILE A 13 -25.22 0.50 -25.00
C ILE A 13 -26.49 -0.19 -24.52
N ASP A 14 -26.77 -1.38 -25.02
CA ASP A 14 -27.96 -2.08 -24.57
C ASP A 14 -27.76 -2.47 -23.12
N LYS A 15 -28.53 -1.83 -22.24
CA LYS A 15 -28.44 -2.06 -20.81
C LYS A 15 -29.11 -3.34 -20.31
N LYS A 16 -29.05 -4.43 -21.07
CA LYS A 16 -29.71 -5.67 -20.62
C LYS A 16 -28.84 -6.50 -19.68
N GLY A 17 -27.54 -6.50 -19.93
CA GLY A 17 -26.63 -7.23 -19.07
C GLY A 17 -26.39 -6.39 -17.83
N TRP A 18 -26.91 -5.16 -17.87
CA TRP A 18 -26.77 -4.21 -16.76
C TRP A 18 -27.51 -4.64 -15.50
N SER A 19 -27.19 -3.97 -14.38
CA SER A 19 -27.80 -4.28 -13.09
C SER A 19 -27.21 -3.45 -11.95
N VAL A 20 -28.04 -2.60 -11.32
CA VAL A 20 -27.59 -1.76 -10.23
C VAL A 20 -27.07 -2.62 -9.09
N ILE A 21 -25.75 -2.70 -9.02
CA ILE A 21 -25.04 -3.51 -8.03
C ILE A 21 -24.84 -2.78 -6.71
N ASP A 22 -25.19 -1.49 -6.67
CA ASP A 22 -25.05 -0.77 -5.42
C ASP A 22 -25.65 0.63 -5.42
N PHE A 23 -26.26 1.00 -4.29
CA PHE A 23 -26.86 2.32 -4.15
C PHE A 23 -26.97 2.65 -2.67
N ASN A 24 -27.35 3.88 -2.35
CA ASN A 24 -27.48 4.28 -0.95
C ASN A 24 -28.83 4.92 -0.62
N ASN A 25 -29.70 5.06 -1.61
CA ASN A 25 -31.00 5.68 -1.36
C ASN A 25 -32.10 5.33 -2.37
N CYS A 26 -33.20 4.77 -1.84
CA CYS A 26 -34.37 4.41 -2.64
C CYS A 26 -35.59 4.39 -1.71
N CYS A 27 -36.79 4.39 -2.26
CA CYS A 27 -37.98 4.38 -1.44
C CYS A 27 -38.29 2.96 -0.96
N THR A 28 -37.73 1.96 -1.65
CA THR A 28 -37.94 0.53 -1.33
C THR A 28 -37.33 0.10 0.00
N GLN A 29 -36.40 0.90 0.51
CA GLN A 29 -35.77 0.57 1.78
C GLN A 29 -36.82 0.31 2.86
N ASP A 30 -37.90 1.10 2.82
CA ASP A 30 -38.98 0.98 3.79
C ASP A 30 -40.04 -0.08 3.45
N GLY A 31 -41.28 0.18 3.86
CA GLY A 31 -42.38 -0.74 3.61
C GLY A 31 -42.29 -1.47 2.29
N GLY A 32 -42.69 -2.74 2.28
CA GLY A 32 -42.66 -3.51 1.06
C GLY A 32 -43.71 -3.02 0.08
N TRP A 33 -44.65 -2.19 0.54
CA TRP A 33 -45.67 -1.74 -0.38
C TRP A 33 -45.12 -0.85 -1.47
N TYR A 34 -43.97 -0.23 -1.22
CA TYR A 34 -43.32 0.64 -2.19
C TYR A 34 -42.78 -0.31 -3.26
N LEU A 35 -42.39 -1.50 -2.81
CA LEU A 35 -41.83 -2.53 -3.67
C LEU A 35 -42.71 -2.83 -4.89
N ASN A 36 -43.99 -3.07 -4.65
CA ASN A 36 -44.94 -3.39 -5.71
C ASN A 36 -45.25 -2.18 -6.60
N MSE A 37 -44.56 -1.07 -6.34
CA MSE A 37 -44.79 0.15 -7.11
C MSE A 37 -43.84 0.34 -8.29
O MSE A 37 -44.07 1.21 -9.12
CB MSE A 37 -44.72 1.36 -6.17
CG MSE A 37 -45.79 1.36 -5.08
SE MSE A 37 -47.61 1.30 -5.78
CE MSE A 37 -47.53 2.82 -7.02
N GLY A 38 -42.79 -0.47 -8.34
CA GLY A 38 -41.83 -0.35 -9.41
C GLY A 38 -41.14 1.00 -9.33
N TRP A 39 -40.61 1.32 -8.16
CA TRP A 39 -39.94 2.60 -8.00
C TRP A 39 -38.51 2.35 -7.56
N GLY A 40 -38.11 1.09 -7.60
CA GLY A 40 -36.77 0.74 -7.18
C GLY A 40 -35.66 1.17 -8.13
N VAL A 41 -34.43 0.93 -7.69
CA VAL A 41 -33.25 1.27 -8.47
C VAL A 41 -33.26 0.59 -9.84
N GLU A 42 -33.63 -0.69 -9.90
CA GLU A 42 -33.66 -1.42 -11.16
C GLU A 42 -34.55 -0.72 -12.18
N SER A 43 -35.43 0.14 -11.69
CA SER A 43 -36.35 0.86 -12.55
C SER A 43 -35.65 2.00 -13.24
N LEU A 44 -34.33 1.96 -13.22
CA LEU A 44 -33.55 3.05 -13.80
C LEU A 44 -32.86 2.68 -15.11
N ILE A 45 -32.69 1.37 -15.33
CA ILE A 45 -32.08 0.82 -16.54
C ILE A 45 -32.98 -0.23 -17.20
N ASP A 46 -34.25 0.11 -17.38
CA ASP A 46 -35.20 -0.80 -18.02
C ASP A 46 -35.64 -0.29 -19.40
N ASN A 47 -34.74 0.40 -20.09
CA ASN A 47 -35.00 0.93 -21.44
C ASN A 47 -35.84 2.21 -21.56
N ASN A 48 -36.84 2.43 -20.71
CA ASN A 48 -37.60 3.66 -20.87
C ASN A 48 -37.76 4.58 -19.66
N PRO A 49 -37.93 5.89 -19.91
CA PRO A 49 -38.11 6.89 -18.85
C PRO A 49 -39.55 6.85 -18.33
N GLY A 50 -40.34 5.92 -18.89
CA GLY A 50 -41.73 5.77 -18.47
C GLY A 50 -41.83 5.26 -17.03
N THR A 51 -40.85 4.45 -16.64
CA THR A 51 -40.75 3.89 -15.31
C THR A 51 -39.74 4.78 -14.61
N GLN A 52 -39.89 4.97 -13.30
CA GLN A 52 -38.98 5.85 -12.56
C GLN A 52 -38.34 5.20 -11.35
N TRP A 53 -37.56 6.01 -10.63
CA TRP A 53 -36.88 5.62 -9.40
C TRP A 53 -37.25 6.69 -8.38
N LEU A 54 -37.55 6.28 -7.15
CA LEU A 54 -37.92 7.23 -6.11
C LEU A 54 -36.96 7.12 -4.93
N CYS A 55 -36.55 8.28 -4.42
CA CYS A 55 -35.65 8.34 -3.27
C CYS A 55 -36.41 7.84 -2.03
N ARG A 56 -35.75 7.80 -0.87
CA ARG A 56 -36.42 7.37 0.34
C ARG A 56 -37.44 8.46 0.63
N TRP A 57 -38.69 8.06 0.85
CA TRP A 57 -39.73 9.04 1.07
C TRP A 57 -40.22 9.22 2.49
N ASP A 58 -40.16 8.15 3.27
CA ASP A 58 -40.63 8.21 4.65
C ASP A 58 -39.68 9.03 5.50
N VAL A 59 -38.42 9.12 5.05
CA VAL A 59 -37.42 9.89 5.78
C VAL A 59 -36.55 10.58 4.76
N LYS A 60 -36.66 11.90 4.67
CA LYS A 60 -35.85 12.61 3.69
C LYS A 60 -34.37 12.48 4.04
N GLU A 61 -33.63 11.71 3.24
CA GLU A 61 -32.20 11.50 3.48
C GLU A 61 -31.34 12.61 2.84
N PRO A 62 -30.29 13.06 3.53
CA PRO A 62 -29.42 14.12 2.98
C PRO A 62 -28.53 13.62 1.85
N LEU A 63 -28.32 14.49 0.87
CA LEU A 63 -27.50 14.14 -0.29
C LEU A 63 -26.06 13.85 0.16
N PRO A 64 -25.25 13.21 -0.71
CA PRO A 64 -25.50 12.70 -2.04
C PRO A 64 -26.00 11.27 -2.16
N TYR A 65 -26.69 11.04 -3.27
CA TYR A 65 -27.25 9.75 -3.63
C TYR A 65 -26.39 9.21 -4.76
N TYR A 66 -26.03 7.93 -4.69
CA TYR A 66 -25.19 7.38 -5.73
C TYR A 66 -25.66 6.01 -6.16
N PHE A 67 -25.19 5.57 -7.31
CA PHE A 67 -25.59 4.28 -7.84
C PHE A 67 -24.40 3.70 -8.54
N VAL A 68 -24.27 2.37 -8.52
CA VAL A 68 -23.15 1.73 -9.17
C VAL A 68 -23.68 0.71 -10.16
N PHE A 69 -23.73 1.10 -11.43
CA PHE A 69 -24.24 0.21 -12.47
C PHE A 69 -23.21 -0.78 -12.96
N ASP A 70 -23.60 -2.05 -13.09
CA ASP A 70 -22.68 -3.05 -13.61
C ASP A 70 -23.06 -3.41 -15.04
N MSE A 71 -22.37 -2.85 -16.03
CA MSE A 71 -22.68 -3.09 -17.43
C MSE A 71 -22.44 -4.52 -17.90
O MSE A 71 -22.71 -4.84 -19.06
CB MSE A 71 -21.91 -2.13 -18.32
CG MSE A 71 -22.39 -0.70 -18.22
SE MSE A 71 -21.22 0.55 -19.16
CE MSE A 71 -21.91 0.31 -20.97
N GLY A 72 -21.92 -5.37 -17.01
CA GLY A 72 -21.68 -6.75 -17.35
C GLY A 72 -20.29 -7.01 -17.93
N LYS A 73 -20.00 -6.35 -19.05
CA LYS A 73 -18.72 -6.52 -19.70
C LYS A 73 -17.97 -5.18 -19.71
N GLU A 74 -16.83 -5.12 -20.40
CA GLU A 74 -16.03 -3.90 -20.49
C GLU A 74 -16.40 -3.05 -21.69
N TYR A 75 -16.28 -1.75 -21.55
CA TYR A 75 -16.60 -0.83 -22.65
C TYR A 75 -15.65 0.37 -22.60
N THR A 76 -15.78 1.27 -23.58
CA THR A 76 -14.96 2.48 -23.61
C THR A 76 -15.95 3.64 -23.73
N LEU A 77 -16.44 4.14 -22.60
CA LEU A 77 -17.44 5.22 -22.60
C LEU A 77 -17.06 6.50 -23.33
N PHE A 78 -17.94 6.95 -24.23
CA PHE A 78 -17.71 8.19 -24.96
C PHE A 78 -18.57 9.25 -24.31
N ARG A 79 -19.81 8.88 -24.00
CA ARG A 79 -20.75 9.80 -23.36
C ARG A 79 -21.52 9.10 -22.26
N PHE A 80 -22.28 9.89 -21.50
CA PHE A 80 -23.10 9.42 -20.40
C PHE A 80 -24.16 10.47 -20.13
N GLY A 81 -25.33 10.04 -19.70
CA GLY A 81 -26.39 10.99 -19.42
C GLY A 81 -27.56 10.32 -18.75
N PHE A 82 -28.58 11.09 -18.43
CA PHE A 82 -29.77 10.53 -17.79
C PHE A 82 -31.00 11.28 -18.30
N ALA A 83 -32.17 10.85 -17.86
CA ALA A 83 -33.42 11.50 -18.25
C ALA A 83 -34.45 11.54 -17.13
N ASN A 84 -34.78 12.74 -16.66
CA ASN A 84 -35.75 12.89 -15.62
C ASN A 84 -37.01 12.08 -15.93
N PRO A 85 -37.84 11.80 -14.90
CA PRO A 85 -39.06 11.02 -15.09
C PRO A 85 -40.00 11.68 -16.07
N VAL A 86 -40.80 10.83 -16.73
CA VAL A 86 -41.77 11.28 -17.71
C VAL A 86 -43.01 10.41 -17.65
N ALA A 87 -44.18 11.06 -17.72
CA ALA A 87 -45.48 10.36 -17.66
C ALA A 87 -45.47 9.02 -18.43
N PRO A 88 -46.19 8.01 -17.91
CA PRO A 88 -47.02 7.97 -16.71
C PRO A 88 -46.25 7.80 -15.40
N ALA A 89 -45.08 8.43 -15.31
CA ALA A 89 -44.27 8.34 -14.10
C ALA A 89 -45.02 9.07 -13.00
N ALA A 90 -45.17 8.43 -11.86
CA ALA A 90 -45.90 9.04 -10.76
C ALA A 90 -45.22 10.26 -10.11
N HIS A 91 -43.98 10.55 -10.50
CA HIS A 91 -43.27 11.67 -9.91
C HIS A 91 -42.41 12.47 -10.87
N VAL A 92 -43.03 13.15 -11.84
CA VAL A 92 -42.26 13.96 -12.78
C VAL A 92 -41.83 15.26 -12.09
N TRP A 93 -42.60 15.68 -11.09
CA TRP A 93 -42.27 16.89 -10.36
C TRP A 93 -41.08 16.62 -9.42
N ALA A 94 -40.81 15.34 -9.17
CA ALA A 94 -39.72 14.95 -8.28
C ALA A 94 -38.33 14.96 -8.93
N GLY A 95 -38.28 14.91 -10.26
CA GLY A 95 -36.99 14.92 -10.95
C GLY A 95 -36.37 16.28 -10.74
N THR A 96 -35.54 16.39 -9.72
CA THR A 96 -34.92 17.67 -9.39
C THR A 96 -33.41 17.66 -9.38
N SER A 97 -32.81 16.69 -10.05
CA SER A 97 -31.35 16.59 -10.11
C SER A 97 -30.82 17.92 -10.63
N LYS A 98 -29.89 18.50 -9.87
CA LYS A 98 -29.32 19.80 -10.22
C LYS A 98 -27.81 19.82 -10.48
N ALA A 99 -27.06 19.03 -9.73
CA ALA A 99 -25.62 18.98 -9.91
C ALA A 99 -25.13 17.62 -9.45
N GLY A 100 -23.94 17.25 -9.92
CA GLY A 100 -23.38 15.97 -9.55
C GLY A 100 -22.30 15.54 -10.54
N TYR A 101 -21.90 14.28 -10.45
CA TYR A 101 -20.86 13.76 -11.33
C TYR A 101 -21.01 12.26 -11.52
N VAL A 102 -20.19 11.68 -12.40
CA VAL A 102 -20.24 10.25 -12.69
C VAL A 102 -18.79 9.75 -12.74
N GLU A 103 -18.50 8.65 -12.06
CA GLU A 103 -17.15 8.08 -12.05
C GLU A 103 -17.20 6.82 -12.92
N ALA A 104 -16.06 6.14 -13.09
CA ALA A 104 -15.97 4.91 -13.90
C ALA A 104 -14.86 4.03 -13.34
N SER A 105 -15.08 2.73 -13.38
CA SER A 105 -14.13 1.76 -12.85
C SER A 105 -14.12 0.53 -13.70
N ILE A 106 -13.09 -0.29 -13.53
CA ILE A 106 -12.97 -1.52 -14.29
C ILE A 106 -12.95 -2.73 -13.36
N ASP A 107 -12.86 -2.49 -12.06
CA ASP A 107 -12.82 -3.55 -11.06
C ASP A 107 -13.72 -3.30 -9.84
N ASN A 108 -14.52 -2.25 -9.92
CA ASN A 108 -15.42 -1.87 -8.85
C ASN A 108 -14.64 -1.56 -7.56
N GLU A 109 -13.35 -1.29 -7.72
CA GLU A 109 -12.52 -0.95 -6.58
C GLU A 109 -11.85 0.41 -6.82
N ASN A 110 -11.28 0.58 -8.02
CA ASN A 110 -10.60 1.82 -8.39
C ASN A 110 -11.47 2.61 -9.33
N TRP A 111 -11.72 3.86 -8.98
CA TRP A 111 -12.57 4.70 -9.79
C TRP A 111 -11.83 5.91 -10.32
N VAL A 112 -12.32 6.48 -11.41
CA VAL A 112 -11.75 7.69 -11.98
C VAL A 112 -12.87 8.61 -12.44
N LYS A 113 -12.85 9.89 -12.05
CA LYS A 113 -13.93 10.82 -12.45
C LYS A 113 -13.98 11.05 -13.96
N LEU A 114 -15.19 11.19 -14.49
CA LEU A 114 -15.37 11.41 -15.90
C LEU A 114 -15.83 12.83 -16.21
N LYS A 115 -16.87 13.28 -15.51
CA LYS A 115 -17.39 14.61 -15.75
C LYS A 115 -18.23 15.09 -14.58
N ASP A 116 -18.61 16.35 -14.65
CA ASP A 116 -19.43 16.97 -13.63
C ASP A 116 -20.65 17.60 -14.30
N TRP A 117 -21.73 16.84 -14.39
CA TRP A 117 -22.95 17.30 -15.01
C TRP A 117 -23.71 18.32 -14.16
N THR A 118 -24.67 19.00 -14.77
CA THR A 118 -25.53 19.99 -14.09
C THR A 118 -26.80 20.17 -14.91
N SER A 119 -27.96 19.96 -14.28
CA SER A 119 -29.23 20.13 -14.97
C SER A 119 -29.69 21.57 -14.68
N PRO A 120 -30.20 22.27 -15.70
CA PRO A 120 -30.69 23.65 -15.65
C PRO A 120 -32.04 23.88 -14.98
N LYS A 121 -32.91 22.86 -14.98
CA LYS A 121 -34.23 22.99 -14.38
C LYS A 121 -34.83 21.69 -13.87
N ILE A 122 -35.90 21.83 -13.10
CA ILE A 122 -36.60 20.66 -12.58
C ILE A 122 -37.20 19.91 -13.77
N GLY A 123 -37.20 18.59 -13.72
CA GLY A 123 -37.77 17.81 -14.82
C GLY A 123 -37.24 18.17 -16.20
N GLU A 124 -35.92 18.15 -16.33
CA GLU A 124 -35.24 18.45 -17.60
C GLU A 124 -35.27 17.18 -18.42
N PRO A 125 -35.80 17.25 -19.63
CA PRO A 125 -35.90 16.10 -20.54
C PRO A 125 -34.72 15.12 -20.46
N ASN A 126 -33.59 15.51 -21.04
CA ASN A 126 -32.40 14.65 -21.01
C ASN A 126 -31.22 15.51 -20.66
N VAL A 127 -30.20 14.88 -20.09
CA VAL A 127 -28.96 15.56 -19.73
C VAL A 127 -27.80 14.62 -20.01
N ASN A 128 -27.16 14.84 -21.15
CA ASN A 128 -26.03 14.03 -21.59
C ASN A 128 -24.76 14.87 -21.48
N MSE A 129 -23.61 14.20 -21.36
CA MSE A 129 -22.34 14.91 -21.21
C MSE A 129 -21.22 14.15 -21.94
O MSE A 129 -21.20 12.92 -21.95
CB MSE A 129 -22.01 14.99 -19.73
CG MSE A 129 -21.80 13.60 -19.11
SE MSE A 129 -22.16 13.52 -17.20
CE MSE A 129 -24.06 13.24 -17.34
N ASP A 130 -20.29 14.88 -22.53
CA ASP A 130 -19.19 14.23 -23.20
C ASP A 130 -18.16 13.83 -22.13
N VAL A 131 -17.94 12.52 -22.01
CA VAL A 131 -17.03 11.94 -21.04
C VAL A 131 -15.72 11.46 -21.67
N PRO A 132 -14.56 11.87 -21.13
CA PRO A 132 -13.24 11.49 -21.64
C PRO A 132 -13.12 10.00 -21.96
N ALA A 133 -12.76 9.68 -23.20
CA ALA A 133 -12.60 8.29 -23.63
C ALA A 133 -11.92 7.44 -22.56
N THR A 134 -12.72 6.67 -21.82
CA THR A 134 -12.22 5.81 -20.76
C THR A 134 -12.83 4.40 -20.77
N GLN A 135 -11.99 3.43 -20.43
CA GLN A 135 -12.37 2.03 -20.35
C GLN A 135 -13.05 1.76 -19.02
N ALA A 136 -14.21 1.12 -19.08
CA ALA A 136 -14.96 0.83 -17.87
C ALA A 136 -15.91 -0.36 -17.96
N ARG A 137 -16.22 -0.91 -16.79
CA ARG A 137 -17.13 -2.03 -16.61
C ARG A 137 -18.26 -1.53 -15.71
N TYR A 138 -17.88 -0.81 -14.67
CA TYR A 138 -18.83 -0.26 -13.70
C TYR A 138 -18.93 1.27 -13.79
N ILE A 139 -20.12 1.80 -13.55
CA ILE A 139 -20.33 3.23 -13.59
C ILE A 139 -20.85 3.66 -12.24
N ARG A 140 -20.56 4.89 -11.86
CA ARG A 140 -21.03 5.38 -10.58
C ARG A 140 -21.62 6.76 -10.76
N PHE A 141 -22.94 6.84 -10.67
CA PHE A 141 -23.63 8.11 -10.85
C PHE A 141 -23.85 8.69 -9.45
N VAL A 142 -23.76 10.01 -9.31
CA VAL A 142 -23.91 10.64 -7.99
C VAL A 142 -24.66 11.97 -8.06
N ILE A 143 -25.76 12.10 -7.31
CA ILE A 143 -26.53 13.33 -7.28
C ILE A 143 -25.97 14.09 -6.08
N THR A 144 -25.52 15.32 -6.29
CA THR A 144 -24.97 16.09 -5.17
C THR A 144 -25.86 17.25 -4.77
N ASP A 145 -26.57 17.84 -5.72
CA ASP A 145 -27.48 18.90 -5.34
C ASP A 145 -28.80 18.70 -6.04
N THR A 146 -29.87 19.08 -5.36
CA THR A 146 -31.22 18.91 -5.87
C THR A 146 -32.01 20.22 -5.87
N TYR A 147 -32.87 20.42 -6.87
CA TYR A 147 -33.69 21.62 -6.91
C TYR A 147 -34.77 21.40 -5.87
N PRO A 148 -35.02 22.41 -5.03
CA PRO A 148 -36.03 22.35 -3.97
C PRO A 148 -37.42 22.15 -4.55
N THR A 149 -38.32 21.59 -3.75
CA THR A 149 -39.70 21.33 -4.17
C THR A 149 -40.72 21.95 -3.21
N TYR A 150 -42.01 21.87 -3.54
CA TYR A 150 -43.02 22.40 -2.64
C TYR A 150 -42.96 21.58 -1.37
N ASP A 151 -42.46 20.35 -1.50
CA ASP A 151 -42.35 19.49 -0.35
C ASP A 151 -40.91 19.21 0.01
N GLY A 152 -40.10 20.27 0.00
CA GLY A 152 -38.70 20.12 0.33
C GLY A 152 -37.95 19.21 -0.61
N LEU A 153 -36.78 18.76 -0.16
CA LEU A 153 -35.90 17.87 -0.91
C LEU A 153 -36.52 16.52 -1.29
N ARG A 154 -37.04 16.44 -2.51
CA ARG A 154 -37.64 15.20 -3.04
C ARG A 154 -36.90 14.96 -4.34
N VAL A 155 -36.80 13.72 -4.77
CA VAL A 155 -36.11 13.48 -6.03
C VAL A 155 -36.41 12.12 -6.64
N SER A 156 -36.73 12.13 -7.92
CA SER A 156 -37.00 10.91 -8.66
C SER A 156 -36.25 10.98 -9.99
N LEU A 157 -35.77 9.84 -10.45
CA LEU A 157 -34.99 9.74 -11.68
C LEU A 157 -35.66 8.86 -12.73
N GLY A 158 -35.64 9.30 -13.98
CA GLY A 158 -36.24 8.52 -15.04
C GLY A 158 -35.34 7.37 -15.51
N GLU A 159 -34.16 7.72 -16.02
CA GLU A 159 -33.23 6.71 -16.50
C GLU A 159 -31.83 7.23 -16.85
N VAL A 160 -30.86 6.31 -16.91
CA VAL A 160 -29.46 6.63 -17.21
C VAL A 160 -28.92 5.93 -18.46
N TYR A 161 -28.39 6.70 -19.42
CA TYR A 161 -27.85 6.17 -20.68
C TYR A 161 -26.32 6.19 -20.68
N ALA A 162 -25.72 5.31 -21.47
CA ALA A 162 -24.25 5.25 -21.57
C ALA A 162 -23.82 4.80 -22.96
N TRP A 163 -22.96 5.58 -23.61
CA TRP A 163 -22.45 5.26 -24.95
C TRP A 163 -21.03 4.72 -24.86
N GLY A 164 -20.58 4.02 -25.89
CA GLY A 164 -19.23 3.49 -25.86
C GLY A 164 -18.97 2.25 -26.70
N LEU A 165 -17.70 1.98 -26.99
CA LEU A 165 -17.34 0.81 -27.77
C LEU A 165 -17.22 -0.39 -26.85
N GLU A 166 -17.57 -1.57 -27.35
CA GLU A 166 -17.48 -2.78 -26.54
C GLU A 166 -16.15 -3.48 -26.78
N HIS A 167 -15.40 -3.73 -25.70
CA HIS A 167 -14.11 -4.40 -25.84
C HIS A 167 -14.22 -5.81 -26.42
N HIS A 168 -13.10 -6.31 -26.97
CA HIS A 168 -13.05 -7.64 -27.59
C HIS A 168 -13.85 -8.63 -26.77
N HIS A 169 -14.77 -9.30 -27.46
CA HIS A 169 -15.64 -10.32 -26.84
C HIS A 169 -14.76 -11.35 -26.11
N HIS A 170 -13.61 -11.67 -26.70
CA HIS A 170 -12.67 -12.62 -26.13
C HIS A 170 -13.33 -13.92 -25.63
N TYR B 4 44.67 10.80 7.33
CA TYR B 4 44.15 11.98 8.06
C TYR B 4 42.89 12.57 7.43
N THR B 5 41.94 12.97 8.27
CA THR B 5 40.70 13.55 7.78
C THR B 5 40.60 15.01 8.28
N VAL B 6 39.40 15.53 8.52
CA VAL B 6 39.27 16.92 8.97
C VAL B 6 38.22 17.13 10.07
N LYS B 7 37.64 18.33 10.08
CA LYS B 7 36.63 18.75 11.05
C LYS B 7 35.41 17.82 11.16
N PHE B 8 35.31 16.84 10.27
CA PHE B 8 34.19 15.89 10.30
C PHE B 8 33.70 15.70 11.75
N GLN B 9 34.44 14.90 12.52
CA GLN B 9 34.16 14.62 13.94
C GLN B 9 32.68 14.29 14.26
N PRO B 10 32.27 13.03 14.01
CA PRO B 10 30.89 12.61 14.29
C PRO B 10 30.81 12.24 15.78
N ASP B 11 30.07 11.20 16.11
CA ASP B 11 29.98 10.79 17.52
C ASP B 11 30.15 9.27 17.66
N PRO B 12 30.90 8.84 18.71
CA PRO B 12 31.20 7.45 19.04
C PRO B 12 30.05 6.47 18.82
N ILE B 13 30.40 5.27 18.40
CA ILE B 13 29.43 4.23 18.18
C ILE B 13 28.83 3.90 19.54
N ASP B 14 27.64 3.31 19.53
CA ASP B 14 27.01 2.94 20.79
C ASP B 14 27.46 1.53 21.16
N LYS B 15 28.25 1.48 22.22
CA LYS B 15 28.81 0.24 22.75
C LYS B 15 27.77 -0.62 23.48
N LYS B 16 26.67 -0.94 22.80
CA LYS B 16 25.64 -1.77 23.42
C LYS B 16 25.79 -3.21 22.95
N GLY B 17 25.69 -3.41 21.64
CA GLY B 17 25.80 -4.75 21.06
C GLY B 17 27.23 -5.25 20.98
N TRP B 18 28.14 -4.51 21.61
CA TRP B 18 29.55 -4.86 21.65
C TRP B 18 29.79 -6.01 22.59
N SER B 19 30.98 -6.59 22.52
CA SER B 19 31.38 -7.70 23.40
C SER B 19 32.80 -8.17 23.12
N VAL B 20 33.67 -8.11 24.12
CA VAL B 20 35.04 -8.58 23.91
C VAL B 20 35.01 -10.08 23.61
N ILE B 21 35.15 -10.40 22.33
CA ILE B 21 35.11 -11.76 21.84
C ILE B 21 36.43 -12.52 22.00
N ASP B 22 37.51 -11.82 22.31
CA ASP B 22 38.80 -12.50 22.52
C ASP B 22 39.92 -11.59 22.98
N PHE B 23 40.88 -12.18 23.71
CA PHE B 23 42.01 -11.44 24.19
C PHE B 23 43.08 -12.37 24.75
N ASN B 24 44.14 -11.78 25.31
CA ASN B 24 45.25 -12.59 25.82
C ASN B 24 45.75 -12.23 27.20
N ASN B 25 45.22 -11.17 27.80
CA ASN B 25 45.70 -10.79 29.11
C ASN B 25 44.72 -9.99 29.93
N CYS B 26 44.51 -10.46 31.15
CA CYS B 26 43.63 -9.84 32.13
C CYS B 26 43.92 -10.43 33.51
N CYS B 27 43.63 -9.65 34.55
CA CYS B 27 43.85 -10.09 35.92
C CYS B 27 42.79 -11.12 36.32
N THR B 28 41.69 -11.17 35.56
CA THR B 28 40.63 -12.10 35.85
C THR B 28 41.03 -13.53 35.57
N GLN B 29 42.19 -13.73 34.93
CA GLN B 29 42.65 -15.08 34.61
C GLN B 29 42.92 -15.93 35.84
N ASP B 30 43.42 -15.29 36.89
CA ASP B 30 43.72 -15.98 38.16
C ASP B 30 42.50 -16.04 39.10
N GLY B 31 42.74 -15.90 40.41
CA GLY B 31 41.68 -15.93 41.41
C GLY B 31 40.36 -15.29 41.01
N GLY B 32 39.27 -15.83 41.55
CA GLY B 32 37.96 -15.30 41.24
C GLY B 32 37.71 -14.00 41.99
N TRP B 33 38.60 -13.69 42.93
CA TRP B 33 38.44 -12.47 43.71
C TRP B 33 38.75 -11.26 42.86
N TYR B 34 39.30 -11.52 41.68
CA TYR B 34 39.60 -10.44 40.74
C TYR B 34 38.32 -10.29 39.92
N LEU B 35 37.67 -11.42 39.71
CA LEU B 35 36.45 -11.49 38.91
C LEU B 35 35.32 -10.65 39.50
N ASN B 36 35.36 -10.44 40.82
CA ASN B 36 34.34 -9.64 41.46
C ASN B 36 34.82 -8.25 41.82
N MSE B 37 35.56 -7.62 40.90
CA MSE B 37 36.09 -6.26 41.08
C MSE B 37 35.75 -5.35 39.90
O MSE B 37 35.85 -4.14 40.00
CB MSE B 37 37.61 -6.28 41.23
CG MSE B 37 38.16 -7.23 42.27
SE MSE B 37 37.52 -6.88 44.07
CE MSE B 37 38.19 -5.05 44.28
N GLY B 38 35.37 -5.96 38.77
CA GLY B 38 35.05 -5.18 37.60
C GLY B 38 36.25 -4.97 36.69
N TRP B 39 37.40 -5.50 37.12
CA TRP B 39 38.62 -5.36 36.36
C TRP B 39 38.65 -6.26 35.13
N GLY B 40 37.50 -6.82 34.77
CA GLY B 40 37.44 -7.69 33.62
C GLY B 40 37.58 -6.95 32.29
N VAL B 41 37.89 -7.66 31.21
CA VAL B 41 38.02 -7.01 29.91
C VAL B 41 36.70 -6.46 29.46
N GLU B 42 35.63 -6.74 30.20
CA GLU B 42 34.31 -6.23 29.83
C GLU B 42 34.17 -4.80 30.31
N SER B 43 35.19 -4.31 30.99
CA SER B 43 35.18 -2.96 31.52
C SER B 43 35.50 -1.88 30.50
N LEU B 44 36.17 -2.27 29.41
CA LEU B 44 36.55 -1.33 28.35
C LEU B 44 35.40 -0.87 27.48
N ILE B 45 34.20 -1.39 27.72
CA ILE B 45 33.04 -1.03 26.92
C ILE B 45 31.75 -0.72 27.66
N ASP B 46 31.84 0.10 28.72
CA ASP B 46 30.65 0.45 29.51
C ASP B 46 30.47 1.96 29.69
N ASN B 47 30.68 2.69 28.60
CA ASN B 47 30.54 4.15 28.55
C ASN B 47 31.49 5.03 29.38
N ASN B 48 31.66 4.74 30.67
CA ASN B 48 32.54 5.58 31.50
C ASN B 48 33.96 5.03 31.72
N PRO B 49 34.95 5.94 31.82
CA PRO B 49 36.35 5.57 32.03
C PRO B 49 36.59 5.21 33.50
N GLY B 50 35.55 5.40 34.31
CA GLY B 50 35.65 5.09 35.73
C GLY B 50 36.06 3.66 35.96
N THR B 51 35.28 2.73 35.41
CA THR B 51 35.55 1.30 35.52
C THR B 51 36.79 1.03 34.66
N GLN B 52 37.72 0.22 35.15
CA GLN B 52 38.95 -0.05 34.40
C GLN B 52 39.23 -1.54 34.15
N TRP B 53 40.19 -1.81 33.29
CA TRP B 53 40.62 -3.17 33.00
C TRP B 53 42.00 -3.29 33.61
N LEU B 54 42.33 -4.44 34.19
CA LEU B 54 43.65 -4.60 34.79
C LEU B 54 44.39 -5.77 34.17
N CYS B 55 45.70 -5.64 33.97
CA CYS B 55 46.46 -6.73 33.37
C CYS B 55 46.66 -7.88 34.36
N ARG B 56 47.05 -9.05 33.88
CA ARG B 56 47.27 -10.15 34.80
C ARG B 56 48.22 -9.58 35.85
N TRP B 57 47.86 -9.72 37.13
CA TRP B 57 48.69 -9.13 38.17
C TRP B 57 49.58 -10.10 38.95
N ASP B 58 49.13 -11.35 39.08
CA ASP B 58 49.91 -12.35 39.81
C ASP B 58 51.17 -12.71 39.02
N VAL B 59 51.04 -12.78 37.70
CA VAL B 59 52.17 -13.13 36.85
C VAL B 59 52.32 -12.07 35.78
N LYS B 60 53.32 -11.21 35.90
CA LYS B 60 53.51 -10.17 34.90
C LYS B 60 53.81 -10.78 33.52
N GLU B 61 52.80 -10.84 32.66
CA GLU B 61 53.00 -11.40 31.31
C GLU B 61 53.68 -10.37 30.39
N PRO B 62 54.56 -10.83 29.49
CA PRO B 62 55.23 -9.90 28.58
C PRO B 62 54.32 -9.44 27.47
N LEU B 63 54.52 -8.20 27.05
CA LEU B 63 53.72 -7.59 25.98
C LEU B 63 53.91 -8.42 24.71
N PRO B 64 53.02 -8.27 23.72
CA PRO B 64 51.86 -7.40 23.65
C PRO B 64 50.55 -7.98 24.17
N TYR B 65 49.63 -7.07 24.49
CA TYR B 65 48.30 -7.44 24.94
C TYR B 65 47.37 -7.06 23.80
N TYR B 66 46.41 -7.92 23.48
CA TYR B 66 45.49 -7.56 22.41
C TYR B 66 44.07 -7.80 22.87
N PHE B 67 43.14 -7.15 22.21
CA PHE B 67 41.74 -7.31 22.56
C PHE B 67 40.95 -7.35 21.28
N VAL B 68 40.06 -8.32 21.14
CA VAL B 68 39.27 -8.35 19.93
C VAL B 68 37.83 -7.99 20.28
N PHE B 69 37.36 -6.86 19.77
CA PHE B 69 36.00 -6.39 20.03
C PHE B 69 35.01 -6.86 18.94
N ASP B 70 33.73 -6.93 19.28
CA ASP B 70 32.72 -7.33 18.31
C ASP B 70 31.58 -6.32 18.44
N MSE B 71 31.53 -5.36 17.52
CA MSE B 71 30.49 -4.34 17.57
C MSE B 71 29.09 -4.80 17.23
O MSE B 71 28.18 -3.98 17.09
CB MSE B 71 30.88 -3.20 16.63
CG MSE B 71 32.14 -2.51 17.04
SE MSE B 71 32.82 -1.41 15.63
CE MSE B 71 31.78 0.19 15.96
N GLY B 72 28.92 -6.11 17.09
CA GLY B 72 27.62 -6.68 16.77
C GLY B 72 27.24 -6.58 15.30
N LYS B 73 27.40 -5.38 14.74
CA LYS B 73 27.08 -5.11 13.34
C LYS B 73 28.26 -4.44 12.63
N GLU B 74 28.14 -4.21 11.32
CA GLU B 74 29.23 -3.59 10.57
C GLU B 74 29.21 -2.09 10.51
N TYR B 75 30.39 -1.50 10.42
CA TYR B 75 30.51 -0.05 10.37
C TYR B 75 31.66 0.33 9.44
N THR B 76 31.82 1.64 9.24
CA THR B 76 32.91 2.18 8.43
C THR B 76 33.73 3.06 9.35
N LEU B 77 34.59 2.42 10.13
CA LEU B 77 35.46 3.11 11.06
C LEU B 77 36.20 4.28 10.42
N PHE B 78 36.17 5.42 11.12
CA PHE B 78 36.86 6.63 10.68
C PHE B 78 37.99 6.91 11.66
N ARG B 79 37.60 7.23 12.89
CA ARG B 79 38.57 7.51 13.93
C ARG B 79 38.47 6.46 15.05
N PHE B 80 39.58 6.21 15.74
CA PHE B 80 39.64 5.24 16.85
C PHE B 80 40.51 5.75 17.99
N GLY B 81 40.14 5.40 19.21
CA GLY B 81 40.94 5.83 20.35
C GLY B 81 40.60 5.11 21.63
N PHE B 82 41.16 5.58 22.74
CA PHE B 82 40.91 4.98 24.04
C PHE B 82 41.08 5.99 25.16
N ALA B 83 40.84 5.53 26.39
CA ALA B 83 40.98 6.40 27.55
C ALA B 83 41.61 5.64 28.74
N ASN B 84 42.50 6.33 29.46
CA ASN B 84 43.14 5.72 30.61
C ASN B 84 42.18 5.72 31.79
N PRO B 85 42.45 4.87 32.78
CA PRO B 85 41.58 4.80 33.95
C PRO B 85 41.50 6.18 34.58
N VAL B 86 40.39 6.43 35.28
CA VAL B 86 40.14 7.69 35.96
C VAL B 86 39.37 7.39 37.23
N ALA B 87 39.59 8.20 38.27
CA ALA B 87 38.91 8.05 39.55
C ALA B 87 37.42 7.75 39.35
N PRO B 88 36.85 6.81 40.12
CA PRO B 88 37.46 5.98 41.17
C PRO B 88 38.07 4.66 40.72
N ALA B 89 38.68 4.63 39.54
CA ALA B 89 39.30 3.40 39.04
C ALA B 89 40.40 2.96 40.00
N ALA B 90 40.36 1.68 40.38
CA ALA B 90 41.37 1.15 41.31
C ALA B 90 42.83 1.36 40.92
N HIS B 91 43.10 1.71 39.66
CA HIS B 91 44.48 1.92 39.22
C HIS B 91 44.71 3.02 38.19
N VAL B 92 44.49 4.27 38.57
CA VAL B 92 44.70 5.34 37.60
C VAL B 92 46.19 5.56 37.36
N TRP B 93 47.02 4.92 38.17
CA TRP B 93 48.48 5.07 38.04
C TRP B 93 49.04 4.02 37.08
N ALA B 94 48.22 3.01 36.80
CA ALA B 94 48.61 1.91 35.94
C ALA B 94 48.51 2.22 34.45
N GLY B 95 47.45 2.93 34.04
CA GLY B 95 47.28 3.27 32.63
C GLY B 95 48.57 3.84 32.06
N THR B 96 49.39 2.95 31.50
CA THR B 96 50.70 3.32 30.99
C THR B 96 51.00 2.97 29.53
N SER B 97 49.94 2.78 28.75
CA SER B 97 50.07 2.44 27.32
C SER B 97 50.92 3.51 26.63
N LYS B 98 52.05 3.08 26.06
CA LYS B 98 52.98 3.98 25.39
C LYS B 98 52.92 3.94 23.87
N ALA B 99 52.72 2.75 23.33
CA ALA B 99 52.67 2.57 21.89
C ALA B 99 51.93 1.31 21.52
N GLY B 100 51.32 1.32 20.34
CA GLY B 100 50.59 0.15 19.88
C GLY B 100 49.78 0.50 18.65
N TYR B 101 49.10 -0.48 18.05
CA TYR B 101 48.31 -0.23 16.87
C TYR B 101 46.92 -0.82 17.01
N VAL B 102 46.17 -0.82 15.90
CA VAL B 102 44.80 -1.33 15.89
C VAL B 102 44.42 -1.83 14.51
N GLU B 103 43.86 -3.03 14.43
CA GLU B 103 43.46 -3.60 13.15
C GLU B 103 41.94 -3.62 13.06
N ALA B 104 41.41 -4.05 11.90
CA ALA B 104 39.97 -4.13 11.68
C ALA B 104 39.69 -5.28 10.72
N SER B 105 38.50 -5.87 10.86
CA SER B 105 38.07 -7.00 10.05
C SER B 105 36.57 -7.00 9.91
N ILE B 106 36.08 -7.88 9.05
CA ILE B 106 34.65 -7.97 8.81
C ILE B 106 34.19 -9.44 8.93
N ASP B 107 35.16 -10.36 8.99
CA ASP B 107 34.90 -11.78 9.11
C ASP B 107 35.67 -12.44 10.27
N ASN B 108 36.35 -11.60 11.04
CA ASN B 108 37.12 -12.06 12.21
C ASN B 108 38.21 -13.06 11.81
N GLU B 109 38.53 -13.12 10.53
CA GLU B 109 39.58 -14.03 10.12
C GLU B 109 40.64 -13.28 9.32
N ASN B 110 40.22 -12.28 8.55
CA ASN B 110 41.16 -11.50 7.78
C ASN B 110 41.21 -10.11 8.35
N TRP B 111 42.37 -9.73 8.85
CA TRP B 111 42.49 -8.42 9.43
C TRP B 111 43.27 -7.44 8.58
N VAL B 112 42.92 -6.16 8.71
CA VAL B 112 43.58 -5.09 7.98
C VAL B 112 44.06 -4.00 8.94
N LYS B 113 45.38 -3.89 9.10
CA LYS B 113 45.97 -2.89 10.00
C LYS B 113 45.43 -1.49 9.66
N LEU B 114 44.93 -0.77 10.65
CA LEU B 114 44.37 0.56 10.47
C LEU B 114 45.30 1.73 10.81
N LYS B 115 46.04 1.64 11.91
CA LYS B 115 46.93 2.73 12.30
C LYS B 115 47.76 2.36 13.53
N ASP B 116 48.97 2.91 13.60
CA ASP B 116 49.88 2.68 14.72
C ASP B 116 49.78 3.89 15.62
N TRP B 117 49.27 3.71 16.84
CA TRP B 117 49.12 4.80 17.79
C TRP B 117 50.25 4.84 18.81
N THR B 118 50.30 5.93 19.56
CA THR B 118 51.31 6.11 20.62
C THR B 118 50.73 7.08 21.66
N SER B 119 51.26 7.01 22.88
CA SER B 119 50.82 7.89 23.96
C SER B 119 52.04 8.59 24.57
N PRO B 120 51.95 9.89 24.82
CA PRO B 120 53.04 10.68 25.40
C PRO B 120 53.36 10.50 26.88
N LYS B 121 52.33 10.40 27.72
CA LYS B 121 52.54 10.26 29.15
C LYS B 121 51.59 9.27 29.83
N ILE B 122 51.98 8.84 31.02
CA ILE B 122 51.19 7.91 31.80
C ILE B 122 49.92 8.64 32.21
N GLY B 123 48.81 7.91 32.28
CA GLY B 123 47.56 8.53 32.67
C GLY B 123 46.96 9.47 31.63
N GLU B 124 47.53 9.48 30.43
CA GLU B 124 47.05 10.33 29.33
C GLU B 124 45.53 10.17 29.22
N PRO B 125 44.77 11.24 29.47
CA PRO B 125 43.30 11.23 29.41
C PRO B 125 42.68 10.45 28.25
N ASN B 126 42.93 10.93 27.03
CA ASN B 126 42.41 10.30 25.81
C ASN B 126 43.48 10.26 24.73
N VAL B 127 43.38 9.28 23.85
CA VAL B 127 44.31 9.11 22.74
C VAL B 127 43.48 8.61 21.57
N ASN B 128 43.16 9.52 20.66
CA ASN B 128 42.34 9.25 19.48
C ASN B 128 43.19 9.37 18.21
N MSE B 129 42.78 8.68 17.15
CA MSE B 129 43.52 8.71 15.89
C MSE B 129 42.61 8.50 14.67
O MSE B 129 41.72 7.65 14.69
CB MSE B 129 44.58 7.60 15.91
CG MSE B 129 43.96 6.18 15.83
SE MSE B 129 44.83 4.77 16.86
CE MSE B 129 44.14 5.19 18.63
N ASP B 130 42.82 9.28 13.61
CA ASP B 130 42.03 9.11 12.40
C ASP B 130 42.51 7.85 11.73
N VAL B 131 41.62 7.20 11.01
CA VAL B 131 41.95 5.95 10.34
C VAL B 131 41.26 5.83 8.96
N PRO B 132 41.85 5.04 8.05
CA PRO B 132 41.29 4.84 6.71
C PRO B 132 39.85 4.29 6.73
N ALA B 133 38.88 5.14 6.38
CA ALA B 133 37.48 4.72 6.35
C ALA B 133 37.36 3.26 5.89
N THR B 134 37.44 2.32 6.84
CA THR B 134 37.34 0.89 6.52
C THR B 134 36.07 0.25 7.08
N GLN B 135 35.56 -0.75 6.37
CA GLN B 135 34.35 -1.45 6.79
C GLN B 135 34.73 -2.52 7.81
N ALA B 136 34.20 -2.39 9.02
CA ALA B 136 34.52 -3.36 10.04
C ALA B 136 33.36 -3.80 10.91
N ARG B 137 33.56 -4.95 11.55
CA ARG B 137 32.61 -5.57 12.47
C ARG B 137 33.37 -5.99 13.72
N TYR B 138 34.68 -6.16 13.56
CA TYR B 138 35.55 -6.57 14.67
C TYR B 138 36.76 -5.64 14.75
N ILE B 139 36.99 -5.02 15.91
CA ILE B 139 38.15 -4.14 16.09
C ILE B 139 39.16 -4.88 16.95
N ARG B 140 40.44 -4.84 16.59
CA ARG B 140 41.45 -5.51 17.40
C ARG B 140 42.49 -4.54 17.91
N PHE B 141 42.41 -4.19 19.19
CA PHE B 141 43.35 -3.27 19.78
C PHE B 141 44.61 -4.06 20.22
N VAL B 142 45.78 -3.44 20.15
CA VAL B 142 47.00 -4.14 20.53
C VAL B 142 48.00 -3.21 21.24
N ILE B 143 48.22 -3.42 22.52
CA ILE B 143 49.19 -2.62 23.27
C ILE B 143 50.55 -3.20 22.93
N THR B 144 51.47 -2.37 22.46
CA THR B 144 52.79 -2.85 22.09
C THR B 144 53.92 -2.43 23.02
N ASP B 145 53.81 -1.22 23.55
CA ASP B 145 54.84 -0.75 24.46
C ASP B 145 54.13 -0.08 25.62
N THR B 146 54.71 -0.19 26.81
CA THR B 146 54.11 0.37 28.01
C THR B 146 55.12 1.21 28.77
N TYR B 147 54.65 2.24 29.48
CA TYR B 147 55.55 3.06 30.28
C TYR B 147 55.79 2.32 31.60
N PRO B 148 57.05 2.18 32.00
CA PRO B 148 57.46 1.51 33.24
C PRO B 148 56.93 2.26 34.44
N THR B 149 56.53 1.53 35.48
CA THR B 149 56.01 2.13 36.70
C THR B 149 56.99 1.79 37.82
N TYR B 150 56.66 2.19 39.06
CA TYR B 150 57.55 1.89 40.21
C TYR B 150 57.51 0.39 40.45
N ASP B 151 56.44 -0.25 39.99
CA ASP B 151 56.35 -1.67 40.18
C ASP B 151 56.55 -2.42 38.86
N GLY B 152 57.30 -1.80 37.95
CA GLY B 152 57.60 -2.41 36.67
C GLY B 152 56.49 -2.44 35.63
N LEU B 153 56.46 -3.47 34.80
CA LEU B 153 55.45 -3.60 33.76
C LEU B 153 54.03 -3.82 34.26
N ARG B 154 53.34 -2.71 34.51
CA ARG B 154 51.96 -2.75 34.96
C ARG B 154 51.16 -1.95 33.94
N VAL B 155 49.86 -2.18 33.88
CA VAL B 155 49.04 -1.47 32.92
C VAL B 155 47.55 -1.70 33.11
N SER B 156 46.80 -0.61 33.07
CA SER B 156 45.35 -0.67 33.21
C SER B 156 44.74 0.17 32.11
N LEU B 157 43.48 -0.08 31.77
CA LEU B 157 42.85 0.67 30.70
C LEU B 157 41.47 1.17 31.08
N GLY B 158 41.19 2.41 30.71
CA GLY B 158 39.89 2.99 31.03
C GLY B 158 38.83 2.49 30.07
N GLU B 159 38.97 2.86 28.80
CA GLU B 159 37.99 2.44 27.82
C GLU B 159 38.43 2.68 26.37
N VAL B 160 37.72 2.03 25.45
CA VAL B 160 38.01 2.13 24.03
C VAL B 160 36.85 2.73 23.24
N TYR B 161 37.09 3.91 22.65
CA TYR B 161 36.07 4.60 21.87
C TYR B 161 36.26 4.40 20.37
N ALA B 162 35.15 4.19 19.67
CA ALA B 162 35.19 3.98 18.22
C ALA B 162 34.22 4.93 17.48
N TRP B 163 34.73 5.56 16.43
CA TRP B 163 33.91 6.48 15.65
C TRP B 163 33.66 5.93 14.25
N GLY B 164 32.43 6.03 13.78
CA GLY B 164 32.15 5.51 12.47
C GLY B 164 30.72 5.68 12.04
N LEU B 165 30.45 5.26 10.80
CA LEU B 165 29.14 5.34 10.16
C LEU B 165 28.46 3.97 10.11
N GLU B 166 27.17 3.95 10.43
CA GLU B 166 26.43 2.69 10.43
C GLU B 166 26.04 2.19 9.04
N HIS B 167 26.32 0.92 8.76
CA HIS B 167 25.97 0.38 7.47
C HIS B 167 24.47 0.19 7.32
N HIS B 168 24.06 0.07 6.06
CA HIS B 168 22.67 -0.11 5.67
C HIS B 168 22.00 -1.11 6.60
N HIS B 169 20.97 -0.64 7.29
CA HIS B 169 20.21 -1.47 8.19
C HIS B 169 19.67 -2.65 7.37
N HIS B 170 19.08 -2.35 6.21
CA HIS B 170 18.51 -3.33 5.27
C HIS B 170 17.36 -4.12 5.94
N TYR C 4 -52.35 -34.22 5.99
CA TYR C 4 -51.64 -35.53 6.09
C TYR C 4 -51.82 -36.50 4.91
N THR C 5 -51.72 -35.99 3.70
CA THR C 5 -51.82 -36.81 2.49
C THR C 5 -50.59 -37.74 2.48
N VAL C 6 -50.78 -39.06 2.51
CA VAL C 6 -49.63 -40.00 2.53
C VAL C 6 -48.70 -39.85 1.29
N LYS C 7 -47.66 -40.68 1.24
CA LYS C 7 -46.69 -40.68 0.15
C LYS C 7 -47.35 -40.43 -1.22
N PHE C 8 -47.31 -39.18 -1.67
CA PHE C 8 -47.88 -38.76 -2.96
C PHE C 8 -47.09 -37.54 -3.48
N GLN C 9 -46.95 -36.56 -2.59
CA GLN C 9 -46.27 -35.29 -2.85
C GLN C 9 -45.62 -35.13 -4.22
N PRO C 10 -45.95 -34.02 -4.91
CA PRO C 10 -45.38 -33.71 -6.23
C PRO C 10 -44.10 -33.07 -5.75
N ASP C 11 -43.30 -32.50 -6.63
CA ASP C 11 -42.11 -31.84 -6.09
C ASP C 11 -42.24 -30.34 -6.29
N PRO C 12 -41.52 -29.54 -5.48
CA PRO C 12 -41.57 -28.07 -5.55
C PRO C 12 -42.03 -27.43 -6.86
N ILE C 13 -42.50 -26.22 -6.73
CA ILE C 13 -42.98 -25.42 -7.84
C ILE C 13 -41.72 -24.71 -8.34
N ASP C 14 -41.76 -24.14 -9.53
CA ASP C 14 -40.61 -23.44 -10.07
C ASP C 14 -40.71 -22.00 -9.57
N LYS C 15 -39.97 -21.72 -8.51
CA LYS C 15 -39.98 -20.39 -7.90
C LYS C 15 -39.52 -19.29 -8.85
N LYS C 16 -39.02 -19.68 -10.02
CA LYS C 16 -38.56 -18.69 -10.99
C LYS C 16 -39.66 -17.69 -11.32
N GLY C 17 -40.92 -18.13 -11.21
CA GLY C 17 -42.01 -17.24 -11.50
C GLY C 17 -42.55 -16.59 -10.24
N TRP C 18 -41.78 -16.65 -9.15
CA TRP C 18 -42.18 -16.09 -7.87
C TRP C 18 -41.66 -14.68 -7.59
N SER C 19 -42.02 -14.15 -6.42
CA SER C 19 -41.61 -12.81 -6.00
C SER C 19 -42.24 -12.44 -4.66
N VAL C 20 -41.42 -12.03 -3.71
CA VAL C 20 -41.96 -11.64 -2.41
C VAL C 20 -42.64 -10.28 -2.51
N ILE C 21 -43.97 -10.31 -2.56
CA ILE C 21 -44.80 -9.12 -2.69
C ILE C 21 -44.94 -8.30 -1.40
N ASP C 22 -44.71 -8.91 -0.24
CA ASP C 22 -44.82 -8.16 1.00
C ASP C 22 -44.13 -8.87 2.14
N PHE C 23 -43.63 -8.08 3.07
CA PHE C 23 -42.99 -8.63 4.26
C PHE C 23 -42.96 -7.52 5.27
N ASN C 24 -42.73 -7.86 6.53
CA ASN C 24 -42.68 -6.86 7.58
C ASN C 24 -41.37 -6.83 8.32
N ASN C 25 -40.44 -7.71 8.01
CA ASN C 25 -39.18 -7.63 8.74
C ASN C 25 -37.96 -8.08 7.95
N CYS C 26 -36.97 -7.20 7.92
CA CYS C 26 -35.73 -7.48 7.20
C CYS C 26 -34.69 -6.39 7.45
N CYS C 27 -33.42 -6.76 7.43
CA CYS C 27 -32.32 -5.81 7.65
C CYS C 27 -32.32 -4.64 6.66
N THR C 28 -32.79 -4.87 5.45
CA THR C 28 -32.79 -3.82 4.43
C THR C 28 -33.49 -2.56 4.90
N GLN C 29 -34.34 -2.69 5.90
CA GLN C 29 -35.07 -1.52 6.41
C GLN C 29 -34.13 -0.53 7.11
N ASP C 30 -32.83 -0.80 7.06
CA ASP C 30 -31.85 0.08 7.70
C ASP C 30 -30.78 0.62 6.78
N GLY C 31 -29.59 0.74 7.35
CA GLY C 31 -28.42 1.25 6.62
C GLY C 31 -28.27 0.77 5.19
N GLY C 32 -27.50 1.55 4.44
CA GLY C 32 -27.27 1.25 3.05
C GLY C 32 -26.44 0.00 2.87
N TRP C 33 -25.38 -0.18 3.64
CA TRP C 33 -24.59 -1.38 3.43
C TRP C 33 -25.41 -2.65 3.64
N TYR C 34 -26.62 -2.52 4.20
CA TYR C 34 -27.48 -3.67 4.42
C TYR C 34 -28.23 -3.99 3.14
N LEU C 35 -28.64 -2.94 2.44
CA LEU C 35 -29.37 -3.14 1.20
C LEU C 35 -28.50 -3.56 0.02
N ASN C 36 -27.26 -3.98 0.28
CA ASN C 36 -26.36 -4.44 -0.80
C ASN C 36 -25.76 -5.77 -0.38
N MSE C 37 -26.10 -6.20 0.81
CA MSE C 37 -25.61 -7.45 1.37
C MSE C 37 -26.34 -8.70 0.86
O MSE C 37 -25.96 -9.82 1.19
CB MSE C 37 -25.67 -7.39 2.89
CG MSE C 37 -24.52 -6.61 3.51
SE MSE C 37 -22.79 -7.30 2.92
CE MSE C 37 -22.36 -8.54 4.36
N GLY C 38 -27.39 -8.51 0.06
CA GLY C 38 -28.13 -9.66 -0.45
C GLY C 38 -28.77 -10.48 0.65
N TRP C 39 -29.20 -9.83 1.72
CA TRP C 39 -29.85 -10.53 2.82
C TRP C 39 -31.36 -10.27 2.79
N GLY C 40 -31.81 -9.66 1.70
CA GLY C 40 -33.21 -9.34 1.53
C GLY C 40 -34.11 -10.55 1.37
N VAL C 41 -35.39 -10.30 1.15
CA VAL C 41 -36.35 -11.38 1.00
C VAL C 41 -36.15 -12.14 -0.30
N GLU C 42 -35.42 -11.53 -1.24
CA GLU C 42 -35.16 -12.18 -2.52
C GLU C 42 -34.41 -13.47 -2.23
N SER C 43 -33.72 -13.49 -1.09
CA SER C 43 -32.92 -14.63 -0.69
C SER C 43 -33.66 -15.90 -0.27
N LEU C 44 -34.96 -15.78 -0.04
CA LEU C 44 -35.76 -16.93 0.37
C LEU C 44 -36.21 -17.81 -0.80
N ILE C 45 -36.19 -17.24 -2.01
CA ILE C 45 -36.63 -17.94 -3.21
C ILE C 45 -35.61 -18.06 -4.38
N ASP C 46 -34.33 -17.83 -4.09
CA ASP C 46 -33.30 -17.94 -5.12
C ASP C 46 -32.83 -19.38 -5.33
N ASN C 47 -33.57 -20.31 -4.75
CA ASN C 47 -33.31 -21.74 -4.84
C ASN C 47 -32.26 -22.38 -3.94
N ASN C 48 -31.32 -21.63 -3.36
CA ASN C 48 -30.36 -22.30 -2.46
C ASN C 48 -30.30 -21.83 -1.01
N PRO C 49 -30.27 -22.77 -0.05
CA PRO C 49 -30.21 -22.46 1.39
C PRO C 49 -28.91 -21.77 1.80
N GLY C 50 -27.99 -21.66 0.85
CA GLY C 50 -26.72 -21.02 1.13
C GLY C 50 -26.92 -19.54 1.38
N THR C 51 -27.82 -18.93 0.61
CA THR C 51 -28.14 -17.53 0.76
C THR C 51 -29.16 -17.49 1.89
N GLN C 52 -29.19 -16.41 2.66
CA GLN C 52 -30.11 -16.32 3.79
C GLN C 52 -30.78 -14.96 3.86
N TRP C 53 -31.90 -14.93 4.57
CA TRP C 53 -32.63 -13.70 4.81
C TRP C 53 -32.20 -13.30 6.22
N LEU C 54 -32.13 -12.01 6.50
CA LEU C 54 -31.73 -11.56 7.82
C LEU C 54 -32.75 -10.60 8.42
N CYS C 55 -33.18 -10.90 9.64
CA CYS C 55 -34.15 -10.03 10.31
C CYS C 55 -33.53 -8.69 10.62
N ARG C 56 -34.35 -7.66 10.79
CA ARG C 56 -33.83 -6.34 11.13
C ARG C 56 -32.85 -6.55 12.27
N TRP C 57 -31.64 -6.02 12.10
CA TRP C 57 -30.57 -6.21 13.07
C TRP C 57 -30.21 -4.99 13.89
N ASP C 58 -30.18 -3.81 13.27
CA ASP C 58 -29.82 -2.61 14.02
C ASP C 58 -30.88 -2.30 15.07
N VAL C 59 -32.12 -2.61 14.71
CA VAL C 59 -33.26 -2.38 15.58
C VAL C 59 -34.05 -3.69 15.65
N LYS C 60 -33.80 -4.48 16.70
CA LYS C 60 -34.51 -5.74 16.91
C LYS C 60 -36.01 -5.42 16.97
N GLU C 61 -36.79 -6.02 16.08
CA GLU C 61 -38.24 -5.78 16.03
C GLU C 61 -39.03 -6.90 16.68
N PRO C 62 -40.18 -6.60 17.31
CA PRO C 62 -40.99 -7.63 17.97
C PRO C 62 -41.72 -8.54 16.98
N LEU C 63 -41.98 -9.76 17.41
CA LEU C 63 -42.66 -10.71 16.56
C LEU C 63 -44.17 -10.39 16.48
N PRO C 64 -44.88 -11.01 15.52
CA PRO C 64 -44.45 -11.96 14.50
C PRO C 64 -43.93 -11.34 13.21
N TYR C 65 -43.14 -12.09 12.46
CA TYR C 65 -42.62 -11.62 11.17
C TYR C 65 -43.44 -12.39 10.15
N TYR C 66 -43.53 -11.90 8.92
CA TYR C 66 -44.30 -12.63 7.92
C TYR C 66 -43.87 -12.25 6.50
N PHE C 67 -44.17 -13.11 5.56
CA PHE C 67 -43.81 -12.85 4.17
C PHE C 67 -44.99 -13.25 3.29
N VAL C 68 -45.11 -12.65 2.13
CA VAL C 68 -46.17 -13.01 1.20
C VAL C 68 -45.53 -13.28 -0.15
N PHE C 69 -45.66 -14.50 -0.64
CA PHE C 69 -45.09 -14.89 -1.92
C PHE C 69 -46.14 -15.02 -3.02
N ASP C 70 -45.89 -14.39 -4.17
CA ASP C 70 -46.77 -14.47 -5.33
C ASP C 70 -46.17 -15.52 -6.26
N MSE C 71 -46.75 -16.72 -6.27
CA MSE C 71 -46.25 -17.81 -7.10
C MSE C 71 -46.52 -17.63 -8.59
O MSE C 71 -46.29 -18.54 -9.38
CB MSE C 71 -46.87 -19.13 -6.64
CG MSE C 71 -46.42 -19.57 -5.29
SE MSE C 71 -47.42 -21.10 -4.67
CE MSE C 71 -46.71 -22.45 -5.85
N GLY C 72 -47.01 -16.45 -8.96
CA GLY C 72 -47.31 -16.16 -10.34
C GLY C 72 -48.64 -16.74 -10.81
N LYS C 73 -48.76 -18.06 -10.80
CA LYS C 73 -49.99 -18.69 -11.23
C LYS C 73 -50.61 -19.55 -10.13
N GLU C 74 -51.91 -19.80 -10.24
CA GLU C 74 -52.64 -20.60 -9.23
C GLU C 74 -52.09 -22.01 -9.14
N TYR C 75 -52.29 -22.64 -7.99
CA TYR C 75 -51.80 -23.98 -7.75
C TYR C 75 -52.68 -24.64 -6.74
N THR C 76 -52.34 -25.87 -6.38
CA THR C 76 -53.09 -26.59 -5.37
C THR C 76 -52.12 -27.13 -4.33
N LEU C 77 -51.59 -26.23 -3.50
CA LEU C 77 -50.63 -26.57 -2.45
C LEU C 77 -51.00 -27.81 -1.61
N PHE C 78 -50.03 -28.71 -1.43
CA PHE C 78 -50.21 -29.92 -0.61
C PHE C 78 -49.24 -29.87 0.57
N ARG C 79 -48.00 -29.50 0.27
CA ARG C 79 -46.93 -29.38 1.28
C ARG C 79 -46.28 -28.03 1.19
N PHE C 80 -45.74 -27.57 2.32
CA PHE C 80 -45.05 -26.29 2.40
C PHE C 80 -44.04 -26.36 3.51
N GLY C 81 -42.84 -25.87 3.26
CA GLY C 81 -41.82 -25.91 4.30
C GLY C 81 -40.70 -24.94 4.06
N PHE C 82 -39.86 -24.78 5.07
CA PHE C 82 -38.72 -23.89 4.97
C PHE C 82 -37.46 -24.65 5.37
N ALA C 83 -36.32 -23.96 5.22
CA ALA C 83 -35.00 -24.50 5.57
C ALA C 83 -34.13 -23.39 6.14
N ASN C 84 -33.53 -23.66 7.30
CA ASN C 84 -32.65 -22.72 7.98
C ASN C 84 -31.39 -22.50 7.16
N PRO C 85 -30.70 -21.37 7.40
CA PRO C 85 -29.48 -21.05 6.67
C PRO C 85 -28.42 -22.11 6.93
N VAL C 86 -27.52 -22.27 5.96
CA VAL C 86 -26.41 -23.23 5.98
C VAL C 86 -25.22 -22.60 5.24
N ALA C 87 -23.99 -22.96 5.62
CA ALA C 87 -22.77 -22.44 4.98
C ALA C 87 -22.93 -22.39 3.47
N PRO C 88 -22.46 -21.30 2.83
CA PRO C 88 -21.80 -20.08 3.31
C PRO C 88 -22.67 -18.95 3.84
N ALA C 89 -23.88 -19.24 4.27
CA ALA C 89 -24.77 -18.21 4.77
C ALA C 89 -24.07 -17.45 5.88
N ALA C 90 -24.34 -16.16 5.99
CA ALA C 90 -23.71 -15.32 7.00
C ALA C 90 -24.17 -15.59 8.44
N HIS C 91 -25.29 -16.31 8.59
CA HIS C 91 -25.84 -16.59 9.92
C HIS C 91 -26.57 -17.92 10.07
N VAL C 92 -25.85 -19.01 10.31
CA VAL C 92 -26.51 -20.29 10.47
C VAL C 92 -26.98 -20.50 11.90
N TRP C 93 -26.47 -19.65 12.80
CA TRP C 93 -26.80 -19.69 14.23
C TRP C 93 -28.05 -18.85 14.50
N ALA C 94 -28.51 -18.14 13.47
CA ALA C 94 -29.67 -17.29 13.56
C ALA C 94 -30.95 -18.03 13.17
N GLY C 95 -30.81 -19.23 12.62
CA GLY C 95 -32.00 -19.99 12.25
C GLY C 95 -32.62 -20.44 13.55
N THR C 96 -33.45 -19.58 14.15
CA THR C 96 -34.08 -19.88 15.44
C THR C 96 -35.60 -20.03 15.42
N SER C 97 -36.17 -20.10 14.22
CA SER C 97 -37.60 -20.25 14.04
C SER C 97 -38.09 -21.40 14.91
N LYS C 98 -39.11 -21.15 15.72
CA LYS C 98 -39.63 -22.18 16.60
C LYS C 98 -41.13 -22.46 16.40
N ALA C 99 -41.93 -21.42 16.20
CA ALA C 99 -43.37 -21.58 16.01
C ALA C 99 -43.96 -20.56 15.06
N GLY C 100 -45.03 -20.94 14.37
CA GLY C 100 -45.68 -20.04 13.45
C GLY C 100 -46.67 -20.83 12.63
N TYR C 101 -47.35 -20.17 11.70
CA TYR C 101 -48.31 -20.86 10.86
C TYR C 101 -48.11 -20.36 9.46
N VAL C 102 -49.03 -20.73 8.58
CA VAL C 102 -48.98 -20.33 7.17
C VAL C 102 -50.40 -20.23 6.62
N GLU C 103 -50.61 -19.28 5.74
CA GLU C 103 -51.93 -19.07 5.16
C GLU C 103 -51.82 -18.95 3.65
N ALA C 104 -52.93 -19.16 2.94
CA ALA C 104 -52.94 -19.07 1.48
C ALA C 104 -54.11 -18.25 1.00
N SER C 105 -53.97 -17.72 -0.20
CA SER C 105 -54.99 -16.91 -0.83
C SER C 105 -54.89 -17.15 -2.31
N ILE C 106 -55.89 -16.69 -3.04
CA ILE C 106 -55.91 -16.87 -4.48
C ILE C 106 -56.12 -15.50 -5.11
N ASP C 107 -56.48 -14.51 -4.28
CA ASP C 107 -56.73 -13.14 -4.77
C ASP C 107 -55.94 -12.10 -3.98
N ASN C 108 -55.05 -12.60 -3.14
CA ASN C 108 -54.20 -11.75 -2.31
C ASN C 108 -54.99 -10.79 -1.42
N GLU C 109 -56.26 -11.11 -1.21
CA GLU C 109 -57.09 -10.29 -0.35
C GLU C 109 -57.79 -11.14 0.71
N ASN C 110 -58.11 -12.39 0.35
CA ASN C 110 -58.76 -13.28 1.29
C ASN C 110 -57.83 -14.40 1.66
N TRP C 111 -57.59 -14.58 2.96
CA TRP C 111 -56.70 -15.63 3.38
C TRP C 111 -57.37 -16.70 4.22
N VAL C 112 -56.71 -17.85 4.34
CA VAL C 112 -57.25 -18.94 5.15
C VAL C 112 -56.09 -19.66 5.83
N LYS C 113 -56.20 -19.86 7.14
CA LYS C 113 -55.12 -20.51 7.87
C LYS C 113 -54.92 -21.96 7.40
N LEU C 114 -53.95 -22.16 6.51
CA LEU C 114 -53.63 -23.49 5.99
C LEU C 114 -53.09 -24.47 7.02
N LYS C 115 -52.24 -24.00 7.91
CA LYS C 115 -51.66 -24.90 8.91
C LYS C 115 -50.77 -24.18 9.94
N ASP C 116 -50.46 -24.90 11.01
CA ASP C 116 -49.59 -24.41 12.07
C ASP C 116 -48.33 -25.31 12.00
N TRP C 117 -47.20 -24.79 12.48
CA TRP C 117 -45.94 -25.51 12.44
C TRP C 117 -45.04 -25.15 13.61
N THR C 118 -44.05 -26.00 13.88
CA THR C 118 -43.08 -25.77 14.94
C THR C 118 -41.75 -26.41 14.54
N SER C 119 -40.63 -25.83 14.98
CA SER C 119 -39.30 -26.35 14.69
C SER C 119 -38.75 -26.92 16.00
N PRO C 120 -38.04 -28.04 15.93
CA PRO C 120 -37.46 -28.73 17.09
C PRO C 120 -36.26 -28.07 17.79
N LYS C 121 -35.40 -27.44 17.00
CA LYS C 121 -34.21 -26.79 17.51
C LYS C 121 -33.71 -25.68 16.60
N ILE C 122 -32.77 -24.91 17.11
CA ILE C 122 -32.17 -23.83 16.35
C ILE C 122 -31.33 -24.50 15.28
N GLY C 123 -31.41 -23.99 14.05
CA GLY C 123 -30.64 -24.56 12.97
C GLY C 123 -31.19 -25.90 12.50
N GLU C 124 -32.52 -26.00 12.47
CA GLU C 124 -33.18 -27.23 12.02
C GLU C 124 -33.08 -27.24 10.50
N PRO C 125 -32.44 -28.29 9.95
CA PRO C 125 -32.26 -28.43 8.50
C PRO C 125 -33.49 -28.02 7.68
N ASN C 126 -34.60 -28.76 7.87
CA ASN C 126 -35.85 -28.45 7.19
C ASN C 126 -37.06 -28.68 8.08
N VAL C 127 -38.12 -27.93 7.80
CA VAL C 127 -39.38 -28.04 8.54
C VAL C 127 -40.49 -27.92 7.52
N ASN C 128 -41.07 -29.05 7.17
CA ASN C 128 -42.17 -29.09 6.21
C ASN C 128 -43.45 -29.50 6.91
N MSE C 129 -44.59 -29.16 6.31
CA MSE C 129 -45.90 -29.46 6.86
C MSE C 129 -46.90 -29.83 5.77
O MSE C 129 -46.87 -29.29 4.66
CB MSE C 129 -46.45 -28.24 7.59
CG MSE C 129 -46.81 -27.12 6.63
SE MSE C 129 -46.37 -25.40 7.32
CE MSE C 129 -44.47 -25.64 7.58
N ASP C 130 -47.79 -30.76 6.09
CA ASP C 130 -48.81 -31.17 5.14
C ASP C 130 -49.96 -30.18 5.28
N VAL C 131 -50.42 -29.68 4.13
CA VAL C 131 -51.51 -28.71 4.09
C VAL C 131 -52.74 -29.20 3.32
N PRO C 132 -53.93 -29.00 3.89
CA PRO C 132 -55.20 -29.40 3.28
C PRO C 132 -55.35 -28.84 1.86
N ALA C 133 -55.35 -29.74 0.88
CA ALA C 133 -55.49 -29.38 -0.52
C ALA C 133 -56.28 -28.09 -0.69
N THR C 134 -55.58 -27.02 -1.04
CA THR C 134 -56.26 -25.75 -1.25
C THR C 134 -55.75 -25.03 -2.48
N GLN C 135 -56.64 -24.26 -3.11
CA GLN C 135 -56.29 -23.52 -4.31
C GLN C 135 -55.71 -22.13 -3.96
N ALA C 136 -54.42 -21.97 -4.25
CA ALA C 136 -53.73 -20.73 -3.97
C ALA C 136 -52.87 -20.20 -5.11
N ARG C 137 -52.54 -18.92 -5.02
CA ARG C 137 -51.71 -18.25 -5.99
C ARG C 137 -50.70 -17.45 -5.16
N TYR C 138 -51.09 -17.18 -3.91
CA TYR C 138 -50.29 -16.43 -2.95
C TYR C 138 -50.14 -17.20 -1.64
N ILE C 139 -48.95 -17.17 -1.03
CA ILE C 139 -48.72 -17.86 0.25
C ILE C 139 -48.31 -16.83 1.29
N ARG C 140 -48.56 -17.13 2.57
CA ARG C 140 -48.17 -16.21 3.63
C ARG C 140 -47.53 -16.93 4.81
N PHE C 141 -46.21 -16.88 4.84
CA PHE C 141 -45.47 -17.53 5.92
C PHE C 141 -45.52 -16.54 7.09
N VAL C 142 -45.62 -17.04 8.32
CA VAL C 142 -45.70 -16.16 9.50
C VAL C 142 -44.98 -16.76 10.71
N ILE C 143 -43.93 -16.10 11.20
CA ILE C 143 -43.21 -16.62 12.37
C ILE C 143 -43.78 -16.00 13.63
N THR C 144 -44.27 -16.85 14.54
CA THR C 144 -44.88 -16.35 15.77
C THR C 144 -43.96 -16.32 16.95
N ASP C 145 -43.29 -17.46 17.17
CA ASP C 145 -42.36 -17.59 18.28
C ASP C 145 -40.98 -17.99 17.72
N THR C 146 -39.94 -17.67 18.48
CA THR C 146 -38.56 -17.91 18.07
C THR C 146 -37.72 -18.41 19.24
N TYR C 147 -36.60 -19.07 18.93
CA TYR C 147 -35.69 -19.55 19.96
C TYR C 147 -34.75 -18.40 20.34
N PRO C 148 -34.55 -18.17 21.65
CA PRO C 148 -33.68 -17.10 22.12
C PRO C 148 -32.28 -17.31 21.60
N THR C 149 -31.46 -16.27 21.64
CA THR C 149 -30.07 -16.31 21.17
C THR C 149 -29.15 -15.60 22.17
N TYR C 150 -27.86 -15.95 22.19
CA TYR C 150 -26.91 -15.31 23.12
C TYR C 150 -26.91 -13.82 22.90
N ASP C 151 -27.48 -13.39 21.79
CA ASP C 151 -27.54 -11.98 21.50
C ASP C 151 -28.97 -11.53 21.30
N GLY C 152 -29.88 -12.07 22.11
CA GLY C 152 -31.28 -11.70 22.00
C GLY C 152 -31.98 -12.22 20.75
N LEU C 153 -33.17 -11.70 20.49
CA LEU C 153 -33.99 -12.09 19.34
C LEU C 153 -33.42 -11.79 17.96
N ARG C 154 -32.79 -12.80 17.39
CA ARG C 154 -32.20 -12.70 16.07
C ARG C 154 -32.70 -13.89 15.30
N VAL C 155 -32.95 -13.70 14.01
CA VAL C 155 -33.42 -14.81 13.21
C VAL C 155 -32.97 -14.66 11.75
N SER C 156 -32.68 -15.79 11.11
CA SER C 156 -32.27 -15.81 9.70
C SER C 156 -33.04 -16.95 9.06
N LEU C 157 -33.18 -16.91 7.74
CA LEU C 157 -33.91 -17.96 7.04
C LEU C 157 -33.24 -18.40 5.74
N GLY C 158 -32.99 -19.69 5.64
CA GLY C 158 -32.34 -20.24 4.47
C GLY C 158 -33.22 -20.15 3.24
N GLU C 159 -34.33 -20.89 3.26
CA GLU C 159 -35.23 -20.82 2.13
C GLU C 159 -36.55 -21.47 2.42
N VAL C 160 -37.52 -21.14 1.58
CA VAL C 160 -38.86 -21.69 1.69
C VAL C 160 -39.27 -22.43 0.41
N TYR C 161 -39.64 -23.70 0.56
CA TYR C 161 -40.05 -24.56 -0.55
C TYR C 161 -41.59 -24.74 -0.61
N ALA C 162 -42.11 -25.10 -1.78
CA ALA C 162 -43.56 -25.34 -1.96
C ALA C 162 -43.85 -26.67 -2.69
N TRP C 163 -45.07 -27.18 -2.56
CA TRP C 163 -45.45 -28.43 -3.19
C TRP C 163 -46.90 -28.39 -3.62
N GLY C 164 -47.20 -28.97 -4.78
CA GLY C 164 -48.57 -28.97 -5.22
C GLY C 164 -48.77 -28.93 -6.72
N LEU C 165 -49.88 -29.54 -7.15
CA LEU C 165 -50.23 -29.59 -8.56
C LEU C 165 -50.45 -28.22 -9.17
N GLU C 166 -50.54 -28.20 -10.49
CA GLU C 166 -50.76 -26.97 -11.23
C GLU C 166 -52.11 -27.03 -11.91
N HIS C 167 -52.71 -25.86 -12.15
CA HIS C 167 -54.02 -25.79 -12.79
C HIS C 167 -53.95 -25.90 -14.34
N HIS C 168 -55.14 -25.91 -14.97
CA HIS C 168 -55.30 -26.01 -16.43
C HIS C 168 -54.45 -24.95 -17.14
N HIS C 169 -54.21 -25.14 -18.44
CA HIS C 169 -53.43 -24.18 -19.21
C HIS C 169 -54.32 -23.08 -19.85
N HIS C 170 -54.97 -23.43 -20.96
CA HIS C 170 -55.85 -22.50 -21.70
C HIS C 170 -55.35 -21.05 -21.66
N TYR D 4 27.20 -0.08 1.31
CA TYR D 4 25.95 0.71 1.53
C TYR D 4 26.12 1.48 2.83
N THR D 5 25.19 2.42 3.10
CA THR D 5 25.19 3.27 4.31
C THR D 5 23.73 3.60 4.65
N VAL D 6 23.43 3.83 5.92
CA VAL D 6 22.06 4.16 6.37
C VAL D 6 21.63 5.60 6.02
N LYS D 7 20.55 6.06 6.66
CA LYS D 7 20.03 7.41 6.46
C LYS D 7 20.98 8.47 7.04
N PHE D 8 22.21 8.50 6.52
CA PHE D 8 23.26 9.45 6.92
C PHE D 8 23.02 10.77 6.21
N GLN D 9 22.89 10.69 4.88
CA GLN D 9 22.63 11.82 3.98
C GLN D 9 23.52 13.06 4.19
N PRO D 10 24.75 13.05 3.64
CA PRO D 10 25.62 14.22 3.81
C PRO D 10 25.21 15.27 2.75
N ASP D 11 25.96 16.36 2.68
CA ASP D 11 25.67 17.41 1.71
C ASP D 11 26.59 17.31 0.52
N PRO D 12 26.04 17.49 -0.69
CA PRO D 12 26.78 17.42 -1.96
C PRO D 12 28.10 18.15 -1.88
N ILE D 13 29.11 17.57 -2.51
CA ILE D 13 30.43 18.17 -2.51
C ILE D 13 30.40 19.40 -3.39
N ASP D 14 31.12 20.45 -3.01
CA ASP D 14 31.13 21.65 -3.84
C ASP D 14 31.93 21.31 -5.10
N LYS D 15 31.35 21.67 -6.25
CA LYS D 15 31.98 21.39 -7.53
C LYS D 15 32.66 22.60 -8.16
N LYS D 16 33.24 23.46 -7.33
CA LYS D 16 33.90 24.65 -7.89
C LYS D 16 35.30 24.33 -8.43
N GLY D 17 36.06 23.55 -7.67
CA GLY D 17 37.40 23.19 -8.09
C GLY D 17 37.40 22.02 -9.06
N TRP D 18 36.18 21.65 -9.45
CA TRP D 18 35.95 20.55 -10.37
C TRP D 18 36.23 20.91 -11.82
N SER D 19 36.35 19.88 -12.65
CA SER D 19 36.60 20.03 -14.08
C SER D 19 36.64 18.67 -14.75
N VAL D 20 36.29 18.64 -16.04
CA VAL D 20 36.32 17.39 -16.78
C VAL D 20 37.64 17.24 -17.50
N ILE D 21 38.49 16.35 -16.98
CA ILE D 21 39.81 16.05 -17.54
C ILE D 21 39.79 15.17 -18.79
N ASP D 22 38.75 14.34 -18.91
CA ASP D 22 38.64 13.47 -20.08
C ASP D 22 37.21 13.02 -20.35
N PHE D 23 36.93 12.80 -21.62
CA PHE D 23 35.61 12.33 -22.03
C PHE D 23 35.88 11.71 -23.39
N ASN D 24 34.98 10.82 -23.80
CA ASN D 24 35.12 10.10 -25.05
C ASN D 24 33.94 10.33 -26.00
N ASN D 25 32.96 11.09 -25.56
CA ASN D 25 31.82 11.32 -26.44
C ASN D 25 31.09 12.58 -26.11
N CYS D 26 30.89 13.40 -27.13
CA CYS D 26 30.19 14.68 -26.98
C CYS D 26 29.80 15.22 -28.34
N CYS D 27 28.85 16.14 -28.38
CA CYS D 27 28.43 16.69 -29.66
C CYS D 27 29.52 17.62 -30.23
N THR D 28 30.24 18.28 -29.32
CA THR D 28 31.31 19.18 -29.68
C THR D 28 32.37 18.46 -30.49
N GLN D 29 32.36 17.14 -30.47
CA GLN D 29 33.36 16.41 -31.24
C GLN D 29 33.15 16.58 -32.73
N ASP D 30 32.05 17.26 -33.09
CA ASP D 30 31.75 17.50 -34.49
C ASP D 30 31.88 18.96 -34.84
N GLY D 31 30.98 19.39 -35.73
CA GLY D 31 30.97 20.76 -36.20
C GLY D 31 31.24 21.88 -35.21
N GLY D 32 31.07 23.09 -35.74
CA GLY D 32 31.30 24.27 -34.95
C GLY D 32 30.01 24.78 -34.34
N TRP D 33 28.87 24.61 -35.01
CA TRP D 33 27.64 25.13 -34.40
C TRP D 33 27.34 24.44 -33.07
N TYR D 34 27.93 23.27 -32.85
CA TYR D 34 27.77 22.53 -31.60
C TYR D 34 28.74 23.14 -30.60
N LEU D 35 29.85 23.61 -31.15
CA LEU D 35 30.93 24.20 -30.38
C LEU D 35 30.56 25.49 -29.61
N ASN D 36 29.45 26.11 -29.96
CA ASN D 36 29.02 27.32 -29.27
C ASN D 36 27.68 27.15 -28.57
N MSE D 37 27.22 25.91 -28.49
CA MSE D 37 25.95 25.58 -27.86
C MSE D 37 26.04 25.29 -26.35
O MSE D 37 25.01 25.07 -25.71
CB MSE D 37 25.31 24.38 -28.57
CG MSE D 37 24.79 24.70 -29.97
SE MSE D 37 23.42 26.10 -30.00
CE MSE D 37 21.81 25.04 -29.65
N GLY D 38 27.24 25.29 -25.80
CA GLY D 38 27.38 25.02 -24.38
C GLY D 38 26.77 23.70 -23.94
N TRP D 39 26.92 22.69 -24.80
CA TRP D 39 26.42 21.35 -24.54
C TRP D 39 27.54 20.40 -24.13
N GLY D 40 28.76 20.91 -24.10
CA GLY D 40 29.91 20.11 -23.72
C GLY D 40 29.84 19.52 -22.33
N VAL D 41 30.88 18.78 -21.95
CA VAL D 41 30.90 18.14 -20.66
C VAL D 41 30.87 19.12 -19.49
N GLU D 42 31.49 20.28 -19.65
CA GLU D 42 31.50 21.28 -18.59
C GLU D 42 30.09 21.57 -18.11
N SER D 43 29.10 21.00 -18.78
CA SER D 43 27.73 21.23 -18.38
C SER D 43 27.33 20.26 -17.25
N LEU D 44 28.08 19.19 -17.11
CA LEU D 44 27.79 18.20 -16.06
C LEU D 44 28.18 18.65 -14.64
N ILE D 45 29.00 19.69 -14.53
CA ILE D 45 29.45 20.17 -13.23
C ILE D 45 29.20 21.64 -12.93
N ASP D 46 28.05 22.15 -13.37
CA ASP D 46 27.69 23.54 -13.14
C ASP D 46 26.38 23.73 -12.36
N ASN D 47 26.35 23.29 -11.10
CA ASN D 47 25.17 23.45 -10.25
C ASN D 47 23.83 22.91 -10.77
N ASN D 48 23.08 23.75 -11.49
CA ASN D 48 21.74 23.38 -12.00
C ASN D 48 21.71 22.37 -13.16
N PRO D 49 20.74 21.44 -13.13
CA PRO D 49 20.56 20.40 -14.15
C PRO D 49 19.97 20.97 -15.44
N GLY D 50 19.62 22.26 -15.39
CA GLY D 50 19.05 22.90 -16.56
C GLY D 50 19.97 22.78 -17.76
N THR D 51 21.26 23.00 -17.53
CA THR D 51 22.24 22.88 -18.59
C THR D 51 22.46 21.41 -18.81
N GLN D 52 22.77 21.02 -20.04
CA GLN D 52 22.97 19.62 -20.35
C GLN D 52 24.19 19.31 -21.17
N TRP D 53 24.50 18.02 -21.28
CA TRP D 53 25.60 17.51 -22.10
C TRP D 53 24.90 16.67 -23.17
N LEU D 54 25.44 16.70 -24.38
CA LEU D 54 24.90 15.95 -25.49
C LEU D 54 25.95 15.02 -26.09
N CYS D 55 25.56 13.80 -26.44
CA CYS D 55 26.46 12.82 -27.06
C CYS D 55 26.74 13.25 -28.48
N ARG D 56 27.54 12.47 -29.21
CA ARG D 56 27.78 12.83 -30.60
C ARG D 56 26.47 12.60 -31.32
N TRP D 57 26.01 13.62 -32.04
CA TRP D 57 24.73 13.54 -32.72
C TRP D 57 24.85 13.35 -34.23
N ASP D 58 25.84 13.96 -34.85
CA ASP D 58 25.95 13.79 -36.28
C ASP D 58 26.56 12.44 -36.57
N VAL D 59 27.24 11.90 -35.59
CA VAL D 59 27.82 10.57 -35.76
C VAL D 59 27.49 9.78 -34.47
N LYS D 60 26.51 8.90 -34.58
CA LYS D 60 26.07 8.09 -33.45
C LYS D 60 27.15 7.10 -33.00
N GLU D 61 27.90 7.46 -31.96
CA GLU D 61 28.99 6.61 -31.45
C GLU D 61 28.55 5.48 -30.53
N PRO D 62 29.10 4.28 -30.72
CA PRO D 62 28.76 3.12 -29.89
C PRO D 62 29.25 3.25 -28.46
N LEU D 63 28.47 2.71 -27.53
CA LEU D 63 28.82 2.75 -26.12
C LEU D 63 30.07 1.87 -25.93
N PRO D 64 30.78 2.02 -24.79
CA PRO D 64 30.50 2.93 -23.66
C PRO D 64 31.09 4.34 -23.72
N TYR D 65 30.39 5.29 -23.08
CA TYR D 65 30.83 6.68 -22.97
C TYR D 65 31.36 6.81 -21.56
N TYR D 66 32.31 7.72 -21.34
CA TYR D 66 32.87 7.89 -20.00
C TYR D 66 33.40 9.30 -19.79
N PHE D 67 33.45 9.71 -18.53
CA PHE D 67 33.94 11.03 -18.20
C PHE D 67 34.90 10.87 -17.03
N VAL D 68 35.82 11.82 -16.88
CA VAL D 68 36.77 11.79 -15.77
C VAL D 68 36.73 13.14 -15.06
N PHE D 69 36.14 13.15 -13.87
CA PHE D 69 35.99 14.34 -13.08
C PHE D 69 37.09 14.55 -12.05
N ASP D 70 37.77 15.69 -12.15
CA ASP D 70 38.84 16.04 -11.22
C ASP D 70 38.16 16.85 -10.13
N MSE D 71 38.09 16.30 -8.92
CA MSE D 71 37.44 17.05 -7.84
C MSE D 71 38.32 18.11 -7.20
O MSE D 71 37.90 18.77 -6.26
CB MSE D 71 36.92 16.08 -6.77
CG MSE D 71 35.70 15.31 -7.20
SE MSE D 71 35.26 13.97 -5.87
CE MSE D 71 34.27 15.10 -4.59
N GLY D 72 39.54 18.26 -7.71
CA GLY D 72 40.45 19.26 -7.22
C GLY D 72 41.36 18.84 -6.08
N LYS D 73 40.78 18.29 -5.02
CA LYS D 73 41.54 17.84 -3.85
C LYS D 73 41.04 16.48 -3.36
N GLU D 74 41.82 15.79 -2.53
CA GLU D 74 41.43 14.46 -2.05
C GLU D 74 40.07 14.45 -1.36
N TYR D 75 39.43 13.28 -1.36
CA TYR D 75 38.13 13.12 -0.75
C TYR D 75 37.86 11.65 -0.45
N THR D 76 36.89 11.42 0.41
CA THR D 76 36.55 10.05 0.73
C THR D 76 35.08 9.98 0.33
N LEU D 77 34.84 9.47 -0.88
CA LEU D 77 33.50 9.34 -1.45
C LEU D 77 32.63 8.34 -0.71
N PHE D 78 31.37 8.69 -0.50
CA PHE D 78 30.40 7.81 0.17
C PHE D 78 29.29 7.47 -0.81
N ARG D 79 28.77 8.51 -1.45
CA ARG D 79 27.68 8.37 -2.41
C ARG D 79 28.00 9.13 -3.70
N PHE D 80 27.37 8.73 -4.80
CA PHE D 80 27.57 9.36 -6.12
C PHE D 80 26.31 9.26 -6.97
N GLY D 81 26.03 10.28 -7.76
CA GLY D 81 24.85 10.24 -8.58
C GLY D 81 24.82 11.26 -9.69
N PHE D 82 23.92 11.04 -10.65
CA PHE D 82 23.76 11.93 -11.78
C PHE D 82 22.31 12.33 -11.89
N ALA D 83 22.02 13.24 -12.82
CA ALA D 83 20.67 13.73 -13.02
C ALA D 83 20.33 13.94 -14.50
N ASN D 84 19.26 13.31 -14.95
CA ASN D 84 18.80 13.46 -16.33
C ASN D 84 18.42 14.90 -16.60
N PRO D 85 18.61 15.37 -17.84
CA PRO D 85 18.29 16.75 -18.20
C PRO D 85 16.85 17.15 -17.91
N VAL D 86 16.70 18.40 -17.49
CA VAL D 86 15.40 18.99 -17.16
C VAL D 86 15.22 20.34 -17.83
N ALA D 87 13.99 20.64 -18.22
CA ALA D 87 13.64 21.91 -18.87
C ALA D 87 14.36 23.06 -18.16
N PRO D 88 14.85 24.06 -18.92
CA PRO D 88 14.80 24.27 -20.38
C PRO D 88 15.76 23.43 -21.23
N ALA D 89 16.43 22.46 -20.63
CA ALA D 89 17.36 21.63 -21.38
C ALA D 89 16.75 21.20 -22.72
N ALA D 90 17.52 21.40 -23.78
CA ALA D 90 17.10 21.08 -25.14
C ALA D 90 16.70 19.62 -25.36
N HIS D 91 17.40 18.69 -24.71
CA HIS D 91 17.12 17.26 -24.87
C HIS D 91 16.75 16.51 -23.59
N VAL D 92 15.52 16.66 -23.14
CA VAL D 92 15.11 15.95 -21.93
C VAL D 92 14.61 14.57 -22.30
N TRP D 93 14.49 14.30 -23.59
CA TRP D 93 14.02 12.98 -24.03
C TRP D 93 15.24 12.14 -24.35
N ALA D 94 16.41 12.78 -24.33
CA ALA D 94 17.63 12.05 -24.63
C ALA D 94 18.19 11.42 -23.36
N GLY D 95 17.75 11.88 -22.19
CA GLY D 95 18.24 11.32 -20.94
C GLY D 95 17.81 9.86 -20.87
N THR D 96 18.65 8.98 -21.39
CA THR D 96 18.29 7.56 -21.43
C THR D 96 19.31 6.62 -20.85
N SER D 97 20.06 7.08 -19.86
CA SER D 97 21.06 6.20 -19.24
C SER D 97 20.31 5.02 -18.61
N LYS D 98 20.72 3.80 -18.95
CA LYS D 98 20.07 2.59 -18.44
C LYS D 98 20.95 1.77 -17.51
N ALA D 99 22.24 1.72 -17.79
CA ALA D 99 23.12 0.95 -16.96
C ALA D 99 24.58 1.22 -17.21
N GLY D 100 25.33 1.25 -16.12
CA GLY D 100 26.77 1.49 -16.21
C GLY D 100 27.38 1.53 -14.83
N TYR D 101 28.70 1.67 -14.76
CA TYR D 101 29.37 1.72 -13.48
C TYR D 101 30.05 3.07 -13.20
N VAL D 102 30.93 3.11 -12.19
CA VAL D 102 31.66 4.32 -11.78
C VAL D 102 32.92 3.97 -11.00
N GLU D 103 34.05 4.46 -11.48
CA GLU D 103 35.34 4.20 -10.85
C GLU D 103 35.89 5.46 -10.21
N ALA D 104 36.87 5.30 -9.32
CA ALA D 104 37.48 6.43 -8.63
C ALA D 104 38.96 6.15 -8.49
N SER D 105 39.78 7.19 -8.60
CA SER D 105 41.22 7.04 -8.48
C SER D 105 41.73 8.09 -7.52
N ILE D 106 43.00 7.96 -7.15
CA ILE D 106 43.59 8.90 -6.21
C ILE D 106 44.72 9.68 -6.87
N ASP D 107 45.15 9.21 -8.04
CA ASP D 107 46.24 9.85 -8.76
C ASP D 107 46.02 9.86 -10.27
N ASN D 108 44.79 9.53 -10.68
CA ASN D 108 44.41 9.48 -12.10
C ASN D 108 45.34 8.60 -12.91
N GLU D 109 45.95 7.63 -12.23
CA GLU D 109 46.87 6.68 -12.86
C GLU D 109 46.30 5.29 -12.63
N ASN D 110 45.82 5.04 -11.42
CA ASN D 110 45.25 3.73 -11.10
C ASN D 110 43.84 3.92 -10.59
N TRP D 111 42.97 2.99 -10.95
CA TRP D 111 41.59 3.10 -10.54
C TRP D 111 41.06 1.92 -9.76
N VAL D 112 39.84 2.07 -9.29
CA VAL D 112 39.21 1.02 -8.52
C VAL D 112 37.72 1.15 -8.74
N LYS D 113 37.12 0.12 -9.33
CA LYS D 113 35.67 0.11 -9.63
C LYS D 113 34.91 0.23 -8.32
N LEU D 114 34.16 1.31 -8.15
CA LEU D 114 33.41 1.53 -6.94
C LEU D 114 32.05 0.82 -6.83
N LYS D 115 31.14 1.11 -7.76
CA LYS D 115 29.80 0.51 -7.72
C LYS D 115 29.18 0.48 -9.12
N ASP D 116 28.41 -0.56 -9.43
CA ASP D 116 27.74 -0.66 -10.72
C ASP D 116 26.34 -0.12 -10.49
N TRP D 117 25.78 0.55 -11.49
CA TRP D 117 24.43 1.11 -11.35
C TRP D 117 23.50 0.74 -12.48
N THR D 118 22.24 1.12 -12.32
CA THR D 118 21.21 0.89 -13.33
C THR D 118 20.19 2.03 -13.24
N SER D 119 19.26 2.13 -14.20
CA SER D 119 18.24 3.17 -14.18
C SER D 119 16.88 2.57 -14.51
N PRO D 120 15.82 3.14 -13.95
CA PRO D 120 14.46 2.65 -14.17
C PRO D 120 13.82 3.00 -15.51
N LYS D 121 13.98 4.24 -15.95
CA LYS D 121 13.36 4.70 -17.17
C LYS D 121 14.06 5.89 -17.78
N ILE D 122 13.62 6.25 -18.98
CA ILE D 122 14.16 7.39 -19.67
C ILE D 122 13.67 8.60 -18.91
N GLY D 123 14.54 9.60 -18.76
CA GLY D 123 14.15 10.80 -18.04
C GLY D 123 13.91 10.60 -16.55
N GLU D 124 14.73 9.75 -15.93
CA GLU D 124 14.64 9.46 -14.50
C GLU D 124 15.28 10.65 -13.75
N PRO D 125 14.47 11.43 -13.00
CA PRO D 125 14.99 12.58 -12.27
C PRO D 125 16.41 12.43 -11.69
N ASN D 126 16.57 11.56 -10.71
CA ASN D 126 17.89 11.34 -10.11
C ASN D 126 18.23 9.87 -9.92
N VAL D 127 19.52 9.57 -10.08
CA VAL D 127 20.06 8.22 -9.90
C VAL D 127 21.31 8.31 -9.03
N ASN D 128 21.10 8.15 -7.73
CA ASN D 128 22.17 8.20 -6.75
C ASN D 128 22.52 6.76 -6.35
N MSE D 129 23.74 6.55 -5.87
CA MSE D 129 24.16 5.22 -5.47
C MSE D 129 25.19 5.28 -4.36
O MSE D 129 26.18 6.02 -4.47
CB MSE D 129 24.77 4.51 -6.66
CG MSE D 129 26.09 5.13 -7.07
SE MSE D 129 26.64 4.70 -8.84
CE MSE D 129 25.54 6.00 -9.76
N ASP D 130 24.99 4.51 -3.29
CA ASP D 130 25.96 4.51 -2.19
C ASP D 130 27.19 3.69 -2.65
N VAL D 131 28.37 4.21 -2.33
CA VAL D 131 29.63 3.58 -2.70
C VAL D 131 30.60 3.37 -1.52
N PRO D 132 31.38 2.27 -1.53
CA PRO D 132 32.34 1.94 -0.48
C PRO D 132 33.25 3.12 -0.14
N ALA D 133 33.15 3.62 1.08
CA ALA D 133 33.98 4.75 1.50
C ALA D 133 35.42 4.58 0.99
N THR D 134 35.74 5.29 -0.08
CA THR D 134 37.09 5.22 -0.67
C THR D 134 37.69 6.61 -0.88
N GLN D 135 39.01 6.65 -0.89
CA GLN D 135 39.78 7.88 -1.05
C GLN D 135 40.09 8.14 -2.52
N ALA D 136 39.51 9.20 -3.08
CA ALA D 136 39.74 9.52 -4.46
C ALA D 136 39.84 11.00 -4.73
N ARG D 137 40.58 11.33 -5.79
CA ARG D 137 40.74 12.71 -6.20
C ARG D 137 40.03 12.85 -7.55
N TYR D 138 39.80 11.72 -8.21
CA TYR D 138 39.13 11.69 -9.51
C TYR D 138 37.97 10.68 -9.56
N ILE D 139 36.97 10.97 -10.40
CA ILE D 139 35.82 10.08 -10.57
C ILE D 139 35.62 9.79 -12.05
N ARG D 140 35.52 8.51 -12.40
CA ARG D 140 35.30 8.16 -13.80
C ARG D 140 33.94 7.51 -14.00
N PHE D 141 32.99 8.30 -14.47
CA PHE D 141 31.64 7.83 -14.73
C PHE D 141 31.65 7.11 -16.08
N VAL D 142 30.84 6.07 -16.24
CA VAL D 142 30.79 5.30 -17.49
C VAL D 142 29.39 4.76 -17.81
N ILE D 143 28.90 5.01 -19.01
CA ILE D 143 27.60 4.51 -19.37
C ILE D 143 27.78 3.32 -20.30
N THR D 144 27.11 2.20 -20.02
CA THR D 144 27.30 1.07 -20.89
C THR D 144 26.03 0.66 -21.56
N ASP D 145 24.92 1.02 -20.96
CA ASP D 145 23.61 0.70 -21.50
C ASP D 145 22.71 1.91 -21.41
N THR D 146 21.93 2.13 -22.45
CA THR D 146 21.00 3.24 -22.52
C THR D 146 19.71 2.77 -23.14
N TYR D 147 18.59 3.41 -22.75
CA TYR D 147 17.29 3.05 -23.31
C TYR D 147 17.22 3.57 -24.73
N PRO D 148 16.72 2.73 -25.66
CA PRO D 148 16.60 3.09 -27.08
C PRO D 148 15.63 4.25 -27.24
N THR D 149 15.73 4.93 -28.38
CA THR D 149 14.88 6.08 -28.70
C THR D 149 14.16 5.93 -30.04
N TYR D 150 13.15 6.77 -30.27
CA TYR D 150 12.43 6.70 -31.55
C TYR D 150 13.45 7.06 -32.62
N ASP D 151 14.43 7.87 -32.26
CA ASP D 151 15.44 8.26 -33.22
C ASP D 151 16.76 7.55 -32.94
N GLY D 152 16.68 6.30 -32.49
CA GLY D 152 17.89 5.54 -32.21
C GLY D 152 18.62 5.90 -30.95
N LEU D 153 19.88 5.47 -30.86
CA LEU D 153 20.75 5.70 -29.70
C LEU D 153 21.15 7.14 -29.43
N ARG D 154 20.26 7.84 -28.73
CA ARG D 154 20.53 9.21 -28.36
C ARG D 154 20.69 9.23 -26.87
N VAL D 155 21.36 10.26 -26.34
CA VAL D 155 21.56 10.37 -24.91
C VAL D 155 22.11 11.74 -24.47
N SER D 156 21.43 12.36 -23.50
CA SER D 156 21.84 13.67 -22.95
C SER D 156 21.99 13.51 -21.44
N LEU D 157 22.70 14.44 -20.79
CA LEU D 157 22.89 14.33 -19.34
C LEU D 157 22.84 15.69 -18.65
N GLY D 158 22.12 15.77 -17.54
CA GLY D 158 22.01 17.03 -16.83
C GLY D 158 23.18 17.43 -15.95
N GLU D 159 23.24 16.84 -14.77
CA GLU D 159 24.28 17.17 -13.82
C GLU D 159 24.72 15.91 -13.10
N VAL D 160 25.87 15.98 -12.44
CA VAL D 160 26.38 14.84 -11.67
C VAL D 160 26.93 15.31 -10.32
N TYR D 161 26.35 14.78 -9.25
CA TYR D 161 26.73 15.14 -7.89
C TYR D 161 27.54 14.06 -7.18
N ALA D 162 28.41 14.49 -6.26
CA ALA D 162 29.23 13.57 -5.47
C ALA D 162 29.02 13.82 -3.96
N TRP D 163 29.29 12.79 -3.16
CA TRP D 163 29.13 12.89 -1.71
C TRP D 163 30.25 12.17 -0.99
N GLY D 164 31.03 12.90 -0.22
CA GLY D 164 32.12 12.27 0.50
C GLY D 164 32.85 13.23 1.41
N LEU D 165 33.29 12.71 2.55
CA LEU D 165 34.01 13.51 3.51
C LEU D 165 35.34 13.98 2.93
N GLU D 166 35.76 15.18 3.35
CA GLU D 166 37.00 15.75 2.85
C GLU D 166 38.22 15.35 3.67
N HIS D 167 39.33 15.09 2.99
CA HIS D 167 40.56 14.70 3.67
C HIS D 167 41.22 15.89 4.38
N HIS D 168 42.29 15.62 5.13
CA HIS D 168 43.02 16.65 5.89
C HIS D 168 43.33 17.86 5.02
N HIS D 169 42.98 19.05 5.53
CA HIS D 169 43.21 20.30 4.82
C HIS D 169 44.67 20.80 4.93
N HIS D 170 45.07 21.24 6.12
CA HIS D 170 46.42 21.75 6.40
C HIS D 170 47.07 22.57 5.27
MG MG E . -36.43 3.84 -16.21
MG MG F . 35.29 1.84 31.32
MG MG G . -32.19 -19.39 -0.09
MG MG H . 23.87 20.79 -15.35
#